data_1U35
#
_entry.id   1U35
#
_cell.length_a   105.505
_cell.length_b   109.598
_cell.length_c   175.989
_cell.angle_alpha   90.00
_cell.angle_beta   90.00
_cell.angle_gamma   90.00
#
_symmetry.space_group_name_H-M   'P 21 21 21'
#
loop_
_entity.id
_entity.type
_entity.pdbx_description
1 polymer 'alpha-satellite DNA'
2 polymer 'Histone H3.1'
3 polymer 'Hist1h4i protein'
4 polymer 'H2A histone family'
5 polymer 'histone 3, H2ba'
6 water water
#
loop_
_entity_poly.entity_id
_entity_poly.type
_entity_poly.pdbx_seq_one_letter_code
_entity_poly.pdbx_strand_id
1 'polydeoxyribonucleotide'
;(DA)(DT)(DC)(DA)(DA)(DT)(DA)(DT)(DC)(DC)(DA)(DC)(DC)(DT)(DG)(DC)(DA)(DG)(DA)(DT)
(DT)(DC)(DT)(DA)(DC)(DC)(DA)(DA)(DA)(DA)(DG)(DT)(DG)(DT)(DA)(DT)(DT)(DT)(DG)(DG)
(DA)(DA)(DA)(DC)(DT)(DG)(DC)(DT)(DC)(DC)(DA)(DT)(DC)(DA)(DA)(DA)(DA)(DG)(DG)(DC)
(DA)(DT)(DG)(DT)(DT)(DC)(DA)(DG)(DC)(DG)(DG)(DA)(DA)(DT)(DT)(DC)(DC)(DG)(DC)(DT)
(DG)(DA)(DA)(DC)(DA)(DT)(DG)(DC)(DC)(DT)(DT)(DT)(DT)(DG)(DA)(DT)(DG)(DG)(DA)(DG)
(DC)(DA)(DG)(DT)(DT)(DT)(DC)(DC)(DA)(DA)(DA)(DT)(DA)(DC)(DA)(DC)(DT)(DT)(DT)(DT)
(DG)(DG)(DT)(DA)(DG)(DA)(DA)(DT)(DC)(DT)(DG)(DC)(DA)(DG)(DG)(DT)(DG)(DG)(DA)(DT)
(DA)(DT)(DT)(DG)(DA)(DT)
;
I,J
2 'polypeptide(L)'
;MARTKQTARKSTGGKAPRKQLATKAARKSAPATGGVKKPHRYRPGTVALREIRRYQKSTELLIRKLPFQRLVREIAQDFK
TDLRFQSSAVMALQEACEAYLVGLFEDTNLCAIHAKRVTIMPKDIQLARRIRGERA
;
A,E
3 'polypeptide(L)'
;MSGRGKGGKGLGKGGAKRHRKVLRDNIQGITKPAIRRLARRGGVKRISGLIYEETRGVLKVFLENVIRDAVTYTEHAKRK
TVTAMDVVYALKRQGRTLYGFGG
;
B,F
4 'polypeptide(L)'
;MSSRGGKKKSTKTSRSAKAGVIFPVGRMLRYIKKGHPKYRIGVGAPVYMAAVLEYLTAEILELAVNAARDNKKGRVTPRH
ILLAVANDEELNQLLKGVTIASGGVLPNIHPELLAKKRGS
;
C,G
5 'polypeptide(L)'
;MPEPSRSTPAPKKGSKKAITKAQKKDGKKRKRGRKESYSIYVYKVLKQVHPDTGISSKAMGIMNSFVNDIFERIASEASR
LAHYNKRSTITSREVQTAVRLLLPGELAKHAVSEGTKAVTKYTSSK
;
D,H
#
# COMPACT_ATOMS: atom_id res chain seq x y z
N PRO C 39 24.34 30.75 -39.19
CA PRO C 39 24.65 29.83 -38.07
C PRO C 39 23.47 28.87 -37.84
N HIS C 40 23.76 27.57 -37.78
CA HIS C 40 22.70 26.59 -37.57
C HIS C 40 22.14 26.68 -36.16
N ARG C 41 20.83 26.49 -36.06
CA ARG C 41 20.14 26.61 -34.80
C ARG C 41 18.82 25.85 -34.80
N TYR C 42 18.75 24.81 -33.97
CA TYR C 42 17.56 23.97 -33.84
C TYR C 42 16.36 24.72 -33.28
N ARG C 43 15.18 24.47 -33.85
CA ARG C 43 13.99 25.14 -33.37
C ARG C 43 13.68 24.61 -31.97
N PRO C 44 13.04 25.43 -31.13
CA PRO C 44 12.70 25.04 -29.77
C PRO C 44 12.04 23.68 -29.66
N GLY C 45 12.41 22.95 -28.60
CA GLY C 45 11.79 21.67 -28.38
C GLY C 45 12.40 20.52 -29.14
N THR C 46 13.16 20.82 -30.18
CA THR C 46 13.76 19.74 -30.96
C THR C 46 14.82 19.01 -30.17
N VAL C 47 15.65 19.77 -29.47
CA VAL C 47 16.72 19.21 -28.68
C VAL C 47 16.17 18.45 -27.48
N ALA C 48 15.20 19.06 -26.80
CA ALA C 48 14.55 18.46 -25.64
C ALA C 48 13.94 17.13 -26.05
N LEU C 49 13.22 17.16 -27.17
CA LEU C 49 12.61 15.97 -27.67
C LEU C 49 13.72 14.96 -27.92
N ARG C 50 14.87 15.46 -28.32
CA ARG C 50 16.00 14.58 -28.58
C ARG C 50 16.56 14.07 -27.27
N GLU C 51 16.53 14.93 -26.25
CA GLU C 51 17.03 14.58 -24.92
C GLU C 51 16.17 13.50 -24.26
N ILE C 52 14.86 13.60 -24.43
CA ILE C 52 13.97 12.59 -23.85
C ILE C 52 14.34 11.22 -24.40
N ARG C 53 14.36 11.10 -25.73
CA ARG C 53 14.70 9.82 -26.34
C ARG C 53 16.02 9.25 -25.81
N ARG C 54 16.97 10.14 -25.55
CA ARG C 54 18.28 9.73 -25.08
C ARG C 54 18.22 9.16 -23.68
N TYR C 55 17.65 9.92 -22.74
CA TYR C 55 17.59 9.50 -21.37
C TYR C 55 16.65 8.33 -21.08
N GLN C 56 15.62 8.16 -21.90
CA GLN C 56 14.71 7.04 -21.71
C GLN C 56 15.35 5.77 -22.25
N LYS C 57 16.53 5.94 -22.86
CA LYS C 57 17.27 4.81 -23.42
C LYS C 57 18.30 4.34 -22.41
N SER C 58 18.88 5.30 -21.68
CA SER C 58 19.91 5.00 -20.70
C SER C 58 19.33 4.68 -19.34
N THR C 59 20.18 4.21 -18.43
CA THR C 59 19.74 3.88 -17.08
C THR C 59 20.68 4.44 -16.00
N GLU C 60 21.63 5.27 -16.40
CA GLU C 60 22.56 5.84 -15.45
C GLU C 60 21.96 6.96 -14.63
N LEU C 61 22.48 7.13 -13.42
CA LEU C 61 21.99 8.17 -12.53
C LEU C 61 22.17 9.54 -13.17
N LEU C 62 21.26 10.45 -12.88
CA LEU C 62 21.30 11.76 -13.49
C LEU C 62 21.51 12.87 -12.47
N ILE C 63 21.85 12.47 -11.25
CA ILE C 63 22.12 13.45 -10.21
C ILE C 63 23.59 13.25 -9.86
N ARG C 64 24.30 14.35 -9.64
CA ARG C 64 25.70 14.25 -9.29
C ARG C 64 25.88 13.48 -7.99
N LYS C 65 26.67 12.42 -8.04
CA LYS C 65 26.90 11.55 -6.88
C LYS C 65 27.40 12.25 -5.61
N LEU C 66 28.48 13.00 -5.71
CA LEU C 66 29.02 13.68 -4.54
C LEU C 66 28.02 14.65 -3.91
N PRO C 67 27.37 15.49 -4.72
CA PRO C 67 26.40 16.45 -4.19
C PRO C 67 25.29 15.71 -3.46
N PHE C 68 24.82 14.61 -4.07
CA PHE C 68 23.76 13.82 -3.48
C PHE C 68 24.14 13.30 -2.10
N GLN C 69 25.37 12.79 -2.00
CA GLN C 69 25.87 12.25 -0.75
C GLN C 69 25.90 13.33 0.34
N ARG C 70 26.34 14.53 -0.01
CA ARG C 70 26.36 15.59 0.98
C ARG C 70 24.93 15.85 1.44
N LEU C 71 24.00 15.80 0.50
CA LEU C 71 22.58 16.02 0.79
C LEU C 71 21.99 14.97 1.72
N VAL C 72 22.45 13.74 1.58
CA VAL C 72 21.97 12.65 2.42
C VAL C 72 22.47 12.78 3.86
N ARG C 73 23.80 12.81 4.01
CA ARG C 73 24.44 12.92 5.32
C ARG C 73 23.93 14.12 6.09
N GLU C 74 23.78 15.24 5.39
CA GLU C 74 23.28 16.46 6.01
C GLU C 74 21.93 16.17 6.65
N ILE C 75 20.99 15.71 5.82
CA ILE C 75 19.64 15.37 6.28
C ILE C 75 19.69 14.32 7.38
N ALA C 76 20.45 13.26 7.14
CA ALA C 76 20.56 12.20 8.12
C ALA C 76 21.05 12.73 9.45
N GLN C 77 21.94 13.73 9.39
CA GLN C 77 22.50 14.32 10.59
C GLN C 77 21.42 14.84 11.52
N ASP C 78 20.51 15.64 10.97
CA ASP C 78 19.40 16.25 11.70
C ASP C 78 18.51 15.22 12.41
N PHE C 79 18.92 13.96 12.39
CA PHE C 79 18.17 12.88 13.02
C PHE C 79 19.05 12.15 14.03
N LYS C 80 20.32 11.96 13.68
CA LYS C 80 21.25 11.27 14.56
C LYS C 80 22.66 11.78 14.24
N THR C 81 23.40 12.17 15.27
CA THR C 81 24.75 12.71 15.08
C THR C 81 25.78 11.61 14.86
N ASP C 82 26.90 11.96 14.22
CA ASP C 82 27.99 11.02 13.94
C ASP C 82 27.40 9.72 13.41
N LEU C 83 27.13 9.69 12.10
CA LEU C 83 26.55 8.51 11.44
C LEU C 83 27.31 8.09 10.21
N ARG C 84 27.58 6.79 10.08
CA ARG C 84 28.28 6.31 8.90
C ARG C 84 27.27 5.65 7.96
N PHE C 85 27.58 5.65 6.67
CA PHE C 85 26.71 5.07 5.64
C PHE C 85 27.39 4.02 4.79
N GLN C 86 26.89 2.80 4.78
CA GLN C 86 27.50 1.80 3.89
C GLN C 86 27.58 2.43 2.50
N SER C 87 28.71 2.30 1.82
CA SER C 87 28.84 2.90 0.50
C SER C 87 27.60 2.63 -0.37
N SER C 88 27.01 1.45 -0.19
CA SER C 88 25.86 1.01 -0.98
C SER C 88 24.52 1.58 -0.53
N ALA C 89 24.41 1.89 0.76
CA ALA C 89 23.17 2.44 1.29
C ALA C 89 22.90 3.82 0.69
N VAL C 90 23.95 4.46 0.18
CA VAL C 90 23.79 5.77 -0.41
C VAL C 90 23.35 5.59 -1.84
N MET C 91 23.86 4.55 -2.49
CA MET C 91 23.48 4.26 -3.87
C MET C 91 21.99 3.94 -3.87
N ALA C 92 21.59 3.14 -2.89
CA ALA C 92 20.19 2.73 -2.75
C ALA C 92 19.34 3.99 -2.60
N LEU C 93 19.71 4.87 -1.70
CA LEU C 93 18.97 6.09 -1.53
C LEU C 93 18.80 6.81 -2.89
N GLN C 94 19.91 7.04 -3.61
CA GLN C 94 19.84 7.74 -4.92
C GLN C 94 18.96 7.00 -5.92
N GLU C 95 19.13 5.69 -5.98
CA GLU C 95 18.32 4.87 -6.87
C GLU C 95 16.86 5.18 -6.58
N ALA C 96 16.49 5.04 -5.31
CA ALA C 96 15.14 5.29 -4.87
C ALA C 96 14.71 6.73 -5.18
N CYS C 97 15.52 7.69 -4.77
CA CYS C 97 15.20 9.09 -5.04
C CYS C 97 14.97 9.35 -6.53
N GLU C 98 15.96 9.06 -7.35
CA GLU C 98 15.81 9.30 -8.77
C GLU C 98 14.57 8.64 -9.36
N ALA C 99 14.35 7.38 -9.02
CA ALA C 99 13.18 6.65 -9.50
C ALA C 99 11.89 7.37 -9.12
N TYR C 100 11.81 7.78 -7.86
CA TYR C 100 10.63 8.48 -7.36
C TYR C 100 10.34 9.69 -8.20
N LEU C 101 11.35 10.52 -8.43
CA LEU C 101 11.16 11.74 -9.18
C LEU C 101 10.80 11.51 -10.63
N VAL C 102 11.43 10.53 -11.27
CA VAL C 102 11.12 10.24 -12.68
C VAL C 102 9.67 9.76 -12.82
N GLY C 103 9.20 9.00 -11.83
CA GLY C 103 7.84 8.50 -11.84
C GLY C 103 6.87 9.64 -11.60
N LEU C 104 7.27 10.58 -10.75
CA LEU C 104 6.46 11.76 -10.43
C LEU C 104 6.34 12.68 -11.65
N PHE C 105 7.43 12.86 -12.39
CA PHE C 105 7.37 13.70 -13.58
C PHE C 105 6.47 13.04 -14.62
N GLU C 106 6.48 11.71 -14.68
CA GLU C 106 5.62 10.99 -15.62
C GLU C 106 4.17 11.33 -15.34
N ASP C 107 3.80 11.34 -14.07
CA ASP C 107 2.44 11.65 -13.66
C ASP C 107 2.15 13.13 -13.88
N THR C 108 3.13 13.97 -13.56
CA THR C 108 2.97 15.41 -13.72
C THR C 108 2.75 15.78 -15.16
N ASN C 109 3.51 15.14 -16.04
CA ASN C 109 3.43 15.36 -17.48
C ASN C 109 2.02 15.00 -17.95
N LEU C 110 1.45 13.98 -17.31
CA LEU C 110 0.11 13.54 -17.63
C LEU C 110 -0.85 14.65 -17.24
N CYS C 111 -0.51 15.37 -16.19
CA CYS C 111 -1.37 16.44 -15.74
C CYS C 111 -1.29 17.71 -16.60
N ALA C 112 -0.10 18.02 -17.08
CA ALA C 112 0.09 19.19 -17.92
C ALA C 112 -0.69 18.89 -19.19
N ILE C 113 -0.39 17.74 -19.79
CA ILE C 113 -1.06 17.37 -21.00
C ILE C 113 -2.58 17.44 -20.83
N HIS C 114 -3.07 17.02 -19.66
CA HIS C 114 -4.51 17.03 -19.42
C HIS C 114 -5.07 18.46 -19.47
N ALA C 115 -4.31 19.42 -18.95
CA ALA C 115 -4.74 20.81 -18.93
C ALA C 115 -4.44 21.49 -20.28
N LYS C 116 -4.13 20.67 -21.27
CA LYS C 116 -3.84 21.12 -22.62
C LYS C 116 -2.55 21.92 -22.74
N ARG C 117 -1.56 21.58 -21.92
CA ARG C 117 -0.27 22.27 -21.97
C ARG C 117 0.83 21.24 -22.22
N VAL C 118 2.04 21.69 -22.52
CA VAL C 118 3.14 20.76 -22.69
C VAL C 118 4.20 21.13 -21.68
N THR C 119 3.96 22.24 -20.98
CA THR C 119 4.89 22.72 -19.97
C THR C 119 4.45 22.23 -18.59
N ILE C 120 5.30 21.47 -17.92
CA ILE C 120 4.93 21.02 -16.58
C ILE C 120 5.15 22.19 -15.62
N MET C 121 4.08 22.59 -14.91
CA MET C 121 4.15 23.68 -13.95
C MET C 121 3.96 23.09 -12.58
N PRO C 122 4.35 23.82 -11.52
CA PRO C 122 4.22 23.37 -10.14
C PRO C 122 2.90 22.73 -9.79
N LYS C 123 1.80 23.38 -10.20
CA LYS C 123 0.46 22.88 -9.91
C LYS C 123 0.25 21.49 -10.46
N ASP C 124 0.82 21.20 -11.63
CA ASP C 124 0.70 19.87 -12.19
C ASP C 124 1.27 18.89 -11.17
N ILE C 125 2.41 19.25 -10.58
CA ILE C 125 3.08 18.41 -9.58
C ILE C 125 2.21 18.29 -8.35
N GLN C 126 1.51 19.37 -8.02
CA GLN C 126 0.63 19.35 -6.86
C GLN C 126 -0.51 18.38 -7.13
N LEU C 127 -1.33 18.68 -8.15
CA LEU C 127 -2.43 17.79 -8.49
C LEU C 127 -1.96 16.33 -8.45
N ALA C 128 -0.84 16.04 -9.09
CA ALA C 128 -0.31 14.69 -9.13
C ALA C 128 -0.03 14.08 -7.78
N ARG C 129 0.69 14.80 -6.92
CA ARG C 129 0.98 14.24 -5.60
C ARG C 129 -0.33 14.11 -4.84
N ARG C 130 -1.21 15.07 -5.05
CA ARG C 130 -2.49 15.08 -4.38
C ARG C 130 -3.21 13.78 -4.63
N ILE C 131 -3.44 13.46 -5.90
CA ILE C 131 -4.15 12.24 -6.26
C ILE C 131 -3.46 10.97 -5.79
N ARG C 132 -2.13 11.04 -5.72
CA ARG C 132 -1.33 9.90 -5.26
C ARG C 132 -1.55 9.68 -3.77
N GLY C 133 -2.01 10.71 -3.07
CA GLY C 133 -2.23 10.59 -1.65
C GLY C 133 -1.04 11.06 -0.84
N GLU C 134 -0.05 11.64 -1.53
CA GLU C 134 1.14 12.18 -0.89
C GLU C 134 0.87 13.54 -0.27
N ARG C 135 0.37 14.44 -1.12
CA ARG C 135 0.07 15.84 -0.81
C ARG C 135 0.45 16.43 0.55
N ALA C 136 0.98 17.64 0.48
CA ALA C 136 1.42 18.41 1.63
C ALA C 136 1.30 19.90 1.32
N ASP D 25 24.58 25.92 -0.69
CA ASP D 25 23.56 25.33 0.24
C ASP D 25 23.22 23.91 -0.23
N ASN D 26 23.71 22.90 0.48
CA ASN D 26 23.43 21.51 0.07
C ASN D 26 21.94 21.27 -0.06
N ILE D 27 21.49 21.04 -1.31
CA ILE D 27 20.12 20.88 -1.78
C ILE D 27 20.16 21.24 -3.22
N GLN D 28 20.45 22.52 -3.29
CA GLN D 28 20.72 23.30 -4.48
C GLN D 28 21.87 22.61 -5.20
N GLY D 29 22.47 21.66 -4.47
CA GLY D 29 23.51 20.83 -5.06
C GLY D 29 22.80 19.98 -6.11
N ILE D 30 21.48 19.98 -6.01
CA ILE D 30 20.59 19.34 -6.95
C ILE D 30 20.30 20.43 -7.97
N THR D 31 21.18 20.49 -8.96
CA THR D 31 21.12 21.50 -9.99
C THR D 31 19.92 21.41 -10.92
N LYS D 32 19.63 22.53 -11.59
CA LYS D 32 18.55 22.59 -12.56
C LYS D 32 18.87 21.59 -13.68
N PRO D 33 20.11 21.58 -14.17
CA PRO D 33 20.46 20.64 -15.24
C PRO D 33 20.15 19.19 -14.89
N ALA D 34 20.37 18.81 -13.62
CA ALA D 34 20.09 17.44 -13.20
C ALA D 34 18.60 17.17 -13.20
N ILE D 35 17.86 18.05 -12.51
CA ILE D 35 16.41 17.92 -12.42
C ILE D 35 15.83 17.78 -13.82
N ARG D 36 16.29 18.63 -14.73
CA ARG D 36 15.82 18.62 -16.10
C ARG D 36 16.10 17.23 -16.71
N ARG D 37 17.28 16.68 -16.45
CA ARG D 37 17.59 15.37 -17.01
C ARG D 37 16.62 14.33 -16.48
N LEU D 38 16.30 14.42 -15.19
CA LEU D 38 15.35 13.50 -14.58
C LEU D 38 14.04 13.61 -15.38
N ALA D 39 13.48 14.80 -15.41
CA ALA D 39 12.25 15.03 -16.11
C ALA D 39 12.26 14.56 -17.56
N ARG D 40 13.42 14.59 -18.21
CA ARG D 40 13.47 14.15 -19.59
C ARG D 40 13.10 12.67 -19.63
N ARG D 41 13.77 11.89 -18.79
CA ARG D 41 13.51 10.46 -18.69
C ARG D 41 12.05 10.31 -18.34
N GLY D 42 11.53 11.27 -17.58
CA GLY D 42 10.13 11.27 -17.19
C GLY D 42 9.25 11.59 -18.35
N GLY D 43 9.86 11.86 -19.51
CA GLY D 43 9.10 12.15 -20.71
C GLY D 43 8.57 13.57 -20.88
N VAL D 44 9.08 14.50 -20.09
CA VAL D 44 8.65 15.90 -20.13
C VAL D 44 9.37 16.70 -21.22
N LYS D 45 8.69 17.69 -21.80
CA LYS D 45 9.28 18.50 -22.85
C LYS D 45 9.59 19.95 -22.44
N ARG D 46 8.59 20.68 -21.98
CA ARG D 46 8.79 22.05 -21.53
C ARG D 46 8.85 22.03 -20.01
N ILE D 47 9.50 23.02 -19.41
CA ILE D 47 9.61 23.07 -17.95
C ILE D 47 9.50 24.47 -17.35
N SER D 48 8.38 24.76 -16.71
CA SER D 48 8.21 26.05 -16.05
C SER D 48 9.43 26.28 -15.16
N GLY D 49 9.89 27.53 -15.08
CA GLY D 49 11.05 27.83 -14.27
C GLY D 49 10.84 27.61 -12.79
N LEU D 50 9.58 27.65 -12.34
CA LEU D 50 9.27 27.43 -10.92
C LEU D 50 9.44 25.96 -10.51
N ILE D 51 9.42 25.07 -11.49
CA ILE D 51 9.54 23.64 -11.23
C ILE D 51 10.71 23.25 -10.34
N TYR D 52 11.89 23.74 -10.69
CA TYR D 52 13.11 23.42 -9.97
C TYR D 52 13.04 23.54 -8.46
N GLU D 53 12.67 24.70 -7.94
CA GLU D 53 12.59 24.80 -6.49
C GLU D 53 11.55 23.79 -6.05
N GLU D 54 10.40 23.82 -6.74
CA GLU D 54 9.28 22.93 -6.43
C GLU D 54 9.73 21.47 -6.36
N THR D 55 10.63 21.09 -7.27
CA THR D 55 11.16 19.74 -7.30
C THR D 55 12.12 19.53 -6.14
N ARG D 56 12.82 20.59 -5.75
CA ARG D 56 13.77 20.49 -4.64
C ARG D 56 13.04 20.27 -3.32
N GLY D 57 11.87 20.88 -3.19
CA GLY D 57 11.11 20.72 -1.97
C GLY D 57 10.61 19.31 -1.84
N VAL D 58 9.98 18.84 -2.92
CA VAL D 58 9.42 17.49 -2.98
C VAL D 58 10.45 16.42 -2.70
N LEU D 59 11.62 16.57 -3.30
CA LEU D 59 12.68 15.61 -3.10
C LEU D 59 13.14 15.65 -1.66
N LYS D 60 13.20 16.85 -1.08
CA LYS D 60 13.65 17.01 0.30
C LYS D 60 12.73 16.20 1.19
N VAL D 61 11.43 16.34 1.02
CA VAL D 61 10.49 15.59 1.84
C VAL D 61 10.70 14.08 1.69
N PHE D 62 10.90 13.60 0.46
CA PHE D 62 11.10 12.18 0.21
C PHE D 62 12.28 11.63 1.00
N LEU D 63 13.47 12.16 0.75
CA LEU D 63 14.69 11.75 1.44
C LEU D 63 14.53 11.86 2.95
N GLU D 64 13.83 12.90 3.41
CA GLU D 64 13.62 13.05 4.83
C GLU D 64 12.90 11.83 5.36
N ASN D 65 11.72 11.56 4.81
CA ASN D 65 10.90 10.44 5.27
C ASN D 65 11.63 9.11 5.28
N VAL D 66 12.35 8.82 4.20
CA VAL D 66 13.07 7.56 4.12
C VAL D 66 14.19 7.48 5.14
N ILE D 67 15.09 8.46 5.07
CA ILE D 67 16.23 8.50 5.96
C ILE D 67 15.81 8.51 7.43
N ARG D 68 14.68 9.14 7.73
CA ARG D 68 14.22 9.12 9.11
C ARG D 68 13.94 7.69 9.54
N ASP D 69 13.14 6.98 8.76
CA ASP D 69 12.83 5.59 9.11
C ASP D 69 14.06 4.70 9.02
N ALA D 70 14.97 4.99 8.09
CA ALA D 70 16.18 4.19 7.92
C ALA D 70 16.96 4.21 9.21
N VAL D 71 17.26 5.42 9.67
CA VAL D 71 17.99 5.66 10.89
C VAL D 71 17.34 4.95 12.08
N THR D 72 16.04 5.19 12.26
CA THR D 72 15.29 4.54 13.33
C THR D 72 15.69 3.07 13.42
N TYR D 73 15.81 2.44 12.25
CA TYR D 73 16.18 1.04 12.17
C TYR D 73 17.62 0.90 12.59
N THR D 74 18.46 1.78 12.04
CA THR D 74 19.89 1.76 12.32
C THR D 74 20.13 1.84 13.80
N GLU D 75 19.35 2.68 14.47
CA GLU D 75 19.46 2.86 15.90
C GLU D 75 18.84 1.72 16.70
N HIS D 76 17.62 1.34 16.35
CA HIS D 76 17.03 0.24 17.10
C HIS D 76 17.93 -0.99 17.04
N ALA D 77 18.77 -1.04 16.02
CA ALA D 77 19.71 -2.16 15.84
C ALA D 77 20.96 -1.90 16.66
N LYS D 78 21.00 -0.73 17.29
CA LYS D 78 22.14 -0.28 18.09
C LYS D 78 23.40 -0.16 17.26
N ARG D 79 23.25 0.29 16.01
CA ARG D 79 24.37 0.46 15.11
C ARG D 79 24.70 1.94 14.93
N LYS D 80 25.84 2.20 14.32
CA LYS D 80 26.30 3.57 14.07
C LYS D 80 26.36 3.75 12.54
N THR D 81 26.22 2.65 11.84
CA THR D 81 26.27 2.68 10.39
C THR D 81 24.93 2.32 9.74
N VAL D 82 24.41 3.23 8.93
CA VAL D 82 23.17 2.98 8.21
C VAL D 82 23.49 2.05 7.04
N THR D 83 23.10 0.78 7.17
CA THR D 83 23.34 -0.24 6.17
C THR D 83 22.37 -0.14 5.00
N ALA D 84 22.63 -0.90 3.94
CA ALA D 84 21.75 -0.86 2.78
C ALA D 84 20.38 -1.39 3.14
N MET D 85 20.35 -2.43 3.98
CA MET D 85 19.09 -3.01 4.42
C MET D 85 18.23 -2.06 5.20
N ASP D 86 18.82 -1.08 5.86
CA ASP D 86 18.00 -0.13 6.59
C ASP D 86 17.21 0.69 5.57
N VAL D 87 17.90 1.10 4.51
CA VAL D 87 17.27 1.88 3.46
C VAL D 87 16.23 1.08 2.73
N VAL D 88 16.55 -0.18 2.45
CA VAL D 88 15.60 -1.02 1.74
C VAL D 88 14.31 -1.12 2.56
N TYR D 89 14.45 -1.26 3.87
CA TYR D 89 13.28 -1.37 4.76
C TYR D 89 12.53 -0.07 4.86
N ALA D 90 13.29 1.01 5.02
CA ALA D 90 12.68 2.31 5.10
C ALA D 90 11.78 2.41 3.86
N LEU D 91 12.41 2.22 2.70
CA LEU D 91 11.73 2.25 1.43
C LEU D 91 10.49 1.39 1.43
N LYS D 92 10.62 0.13 1.86
CA LYS D 92 9.48 -0.78 1.87
C LYS D 92 8.27 -0.14 2.52
N ARG D 93 8.35 0.14 3.82
CA ARG D 93 7.22 0.74 4.48
C ARG D 93 6.70 2.03 3.86
N GLN D 94 7.50 2.73 3.07
CA GLN D 94 6.99 3.94 2.44
C GLN D 94 6.15 3.47 1.26
N GLY D 95 6.08 2.15 1.08
CA GLY D 95 5.31 1.59 -0.02
C GLY D 95 6.16 1.40 -1.26
N ARG D 96 7.34 2.03 -1.26
CA ARG D 96 8.27 1.96 -2.39
C ARG D 96 9.26 0.79 -2.20
N THR D 97 9.06 -0.32 -2.93
CA THR D 97 9.97 -1.47 -2.82
C THR D 97 11.17 -1.33 -3.75
N LEU D 98 12.34 -1.80 -3.31
CA LEU D 98 13.53 -1.68 -4.12
C LEU D 98 14.26 -3.01 -4.31
N TYR D 99 14.46 -3.39 -5.56
CA TYR D 99 15.18 -4.62 -5.89
C TYR D 99 16.59 -4.20 -6.21
N GLY D 100 17.58 -5.04 -5.91
CA GLY D 100 18.94 -4.68 -6.25
C GLY D 100 19.91 -4.26 -5.16
N PHE D 101 19.49 -4.31 -3.91
CA PHE D 101 20.39 -3.96 -2.82
C PHE D 101 20.20 -4.87 -1.62
N GLY D 102 19.66 -6.06 -1.86
CA GLY D 102 19.43 -6.99 -0.78
C GLY D 102 20.60 -7.95 -0.57
N GLY D 103 21.60 -7.87 -1.44
CA GLY D 103 22.77 -8.75 -1.33
C GLY D 103 23.75 -8.33 -0.26
N LYS E 12 -6.27 -9.89 44.16
CA LYS E 12 -5.32 -9.68 43.03
C LYS E 12 -5.45 -8.27 42.46
N THR E 13 -4.40 -7.80 41.80
CA THR E 13 -4.39 -6.46 41.21
C THR E 13 -4.01 -6.57 39.73
N SER E 14 -4.94 -6.21 38.86
CA SER E 14 -4.69 -6.27 37.42
C SER E 14 -3.43 -5.49 37.04
N ARG E 15 -2.64 -6.06 36.13
CA ARG E 15 -1.42 -5.40 35.68
C ARG E 15 -1.77 -4.00 35.18
N SER E 16 -2.94 -3.88 34.58
CA SER E 16 -3.42 -2.59 34.08
C SER E 16 -3.28 -1.58 35.20
N ALA E 17 -3.84 -1.90 36.37
CA ALA E 17 -3.79 -1.00 37.52
C ALA E 17 -2.36 -0.69 37.91
N LYS E 18 -1.54 -1.73 37.97
CA LYS E 18 -0.15 -1.57 38.33
C LYS E 18 0.53 -0.49 37.46
N ALA E 19 0.24 -0.50 36.15
CA ALA E 19 0.84 0.45 35.23
C ALA E 19 0.04 1.75 35.03
N GLY E 20 -1.15 1.80 35.62
CA GLY E 20 -1.97 2.99 35.52
C GLY E 20 -2.70 3.19 34.23
N VAL E 21 -3.24 2.11 33.67
CA VAL E 21 -3.98 2.21 32.42
C VAL E 21 -5.35 1.54 32.55
N ILE E 22 -6.23 1.90 31.63
CA ILE E 22 -7.57 1.37 31.60
C ILE E 22 -7.60 0.16 30.69
N PHE E 23 -6.91 0.24 29.56
CA PHE E 23 -6.86 -0.88 28.63
C PHE E 23 -6.27 -2.11 29.30
N PRO E 24 -6.78 -3.30 28.95
CA PRO E 24 -6.38 -4.62 29.46
C PRO E 24 -4.96 -5.11 29.12
N VAL E 25 -4.03 -4.84 30.03
CA VAL E 25 -2.64 -5.23 29.87
C VAL E 25 -2.46 -6.73 29.66
N GLY E 26 -3.05 -7.54 30.52
CA GLY E 26 -2.89 -8.98 30.39
C GLY E 26 -3.52 -9.50 29.12
N ARG E 27 -4.76 -9.06 28.88
CA ARG E 27 -5.49 -9.46 27.70
C ARG E 27 -4.68 -9.21 26.45
N MET E 28 -3.79 -8.22 26.50
CA MET E 28 -2.97 -7.88 25.35
C MET E 28 -1.69 -8.66 25.28
N LEU E 29 -1.19 -9.11 26.41
CA LEU E 29 0.00 -9.94 26.36
C LEU E 29 -0.45 -11.21 25.60
N ARG E 30 -1.68 -11.65 25.90
CA ARG E 30 -2.26 -12.83 25.29
C ARG E 30 -2.47 -12.65 23.79
N TYR E 31 -2.98 -11.49 23.39
CA TYR E 31 -3.21 -11.21 21.99
C TYR E 31 -1.91 -11.09 21.22
N ILE E 32 -0.84 -10.70 21.91
CA ILE E 32 0.44 -10.58 21.25
C ILE E 32 0.92 -11.99 20.96
N LYS E 33 0.76 -12.86 21.96
CA LYS E 33 1.15 -14.25 21.82
C LYS E 33 0.28 -14.90 20.76
N LYS E 34 -1.01 -15.14 20.99
CA LYS E 34 -1.79 -15.77 19.91
C LYS E 34 -1.44 -15.30 18.46
N GLY E 35 -0.81 -14.13 18.35
CA GLY E 35 -0.46 -13.60 17.06
C GLY E 35 0.98 -13.88 16.61
N HIS E 36 1.96 -13.64 17.48
CA HIS E 36 3.34 -13.88 17.09
C HIS E 36 4.06 -14.99 17.85
N PRO E 37 3.40 -16.15 18.03
CA PRO E 37 4.04 -17.26 18.74
C PRO E 37 5.33 -17.54 18.07
N LYS E 38 6.35 -17.52 18.91
CA LYS E 38 7.70 -17.70 18.46
C LYS E 38 8.51 -16.93 19.45
N TYR E 39 8.16 -15.66 19.51
CA TYR E 39 8.81 -14.70 20.35
C TYR E 39 8.31 -14.76 21.78
N ARG E 40 9.14 -14.21 22.67
CA ARG E 40 8.81 -14.12 24.06
C ARG E 40 8.38 -12.67 24.17
N ILE E 41 7.47 -12.39 25.09
CA ILE E 41 7.00 -11.02 25.24
C ILE E 41 7.44 -10.42 26.56
N GLY E 42 8.37 -9.47 26.51
CA GLY E 42 8.82 -8.82 27.71
C GLY E 42 7.57 -8.41 28.45
N VAL E 43 7.61 -8.47 29.78
CA VAL E 43 6.44 -8.13 30.56
C VAL E 43 5.99 -6.68 30.34
N GLY E 44 6.84 -5.87 29.71
CA GLY E 44 6.51 -4.48 29.45
C GLY E 44 5.79 -4.18 28.14
N ALA E 45 6.07 -4.96 27.11
CA ALA E 45 5.46 -4.76 25.80
C ALA E 45 3.94 -4.63 25.84
N PRO E 46 3.23 -5.62 26.41
CA PRO E 46 1.78 -5.51 26.45
C PRO E 46 1.35 -4.26 27.22
N VAL E 47 2.19 -3.88 28.18
CA VAL E 47 1.99 -2.68 29.02
C VAL E 47 2.07 -1.45 28.13
N TYR E 48 3.22 -1.32 27.47
CA TYR E 48 3.50 -0.21 26.57
C TYR E 48 2.42 -0.09 25.51
N MET E 49 2.02 -1.23 24.97
CA MET E 49 1.01 -1.27 23.96
C MET E 49 -0.28 -0.64 24.49
N ALA E 50 -0.80 -1.22 25.58
CA ALA E 50 -2.04 -0.73 26.18
C ALA E 50 -2.00 0.74 26.51
N ALA E 51 -0.81 1.26 26.79
CA ALA E 51 -0.69 2.67 27.12
C ALA E 51 -0.78 3.55 25.87
N VAL E 52 -0.20 3.09 24.76
CA VAL E 52 -0.22 3.85 23.50
C VAL E 52 -1.61 3.80 22.92
N LEU E 53 -2.22 2.62 22.97
CA LEU E 53 -3.55 2.50 22.41
C LEU E 53 -4.62 3.28 23.14
N GLU E 54 -4.53 3.35 24.47
CA GLU E 54 -5.49 4.13 25.25
C GLU E 54 -5.27 5.62 24.98
N TYR E 55 -4.00 5.97 24.79
CA TYR E 55 -3.62 7.34 24.48
C TYR E 55 -4.30 7.80 23.19
N LEU E 56 -4.10 7.00 22.14
CA LEU E 56 -4.66 7.27 20.82
C LEU E 56 -6.15 7.34 20.89
N THR E 57 -6.78 6.29 21.44
CA THR E 57 -8.22 6.31 21.53
C THR E 57 -8.70 7.55 22.31
N ALA E 58 -7.98 7.94 23.36
CA ALA E 58 -8.35 9.14 24.11
C ALA E 58 -8.38 10.39 23.18
N GLU E 59 -7.31 10.55 22.41
CA GLU E 59 -7.13 11.65 21.46
C GLU E 59 -8.31 11.79 20.49
N ILE E 60 -8.68 10.67 19.86
CA ILE E 60 -9.79 10.73 18.91
C ILE E 60 -11.15 10.96 19.60
N LEU E 61 -11.31 10.43 20.82
CA LEU E 61 -12.55 10.63 21.57
C LEU E 61 -12.67 12.10 21.99
N GLU E 62 -11.55 12.70 22.37
CA GLU E 62 -11.59 14.09 22.74
C GLU E 62 -12.16 14.88 21.56
N LEU E 63 -11.62 14.65 20.38
CA LEU E 63 -12.10 15.36 19.20
C LEU E 63 -13.50 14.96 18.74
N ALA E 64 -13.81 13.68 18.83
CA ALA E 64 -15.12 13.25 18.39
C ALA E 64 -16.19 13.83 19.32
N VAL E 65 -15.89 13.84 20.62
CA VAL E 65 -16.84 14.38 21.59
C VAL E 65 -17.16 15.84 21.25
N ASN E 66 -16.13 16.67 21.15
CA ASN E 66 -16.34 18.08 20.80
C ASN E 66 -17.19 18.13 19.53
N ALA E 67 -16.74 17.38 18.52
CA ALA E 67 -17.44 17.32 17.26
C ALA E 67 -18.92 17.01 17.48
N ALA E 68 -19.21 16.09 18.39
CA ALA E 68 -20.60 15.73 18.71
C ALA E 68 -21.32 16.91 19.34
N ARG E 69 -20.66 17.55 20.30
CA ARG E 69 -21.22 18.69 21.01
C ARG E 69 -21.49 19.91 20.13
N ASP E 70 -20.60 20.20 19.19
CA ASP E 70 -20.83 21.34 18.30
C ASP E 70 -22.07 21.03 17.51
N ASN E 71 -22.17 19.78 17.07
CA ASN E 71 -23.31 19.31 16.30
C ASN E 71 -24.55 19.32 17.18
N LYS E 72 -24.37 19.68 18.46
CA LYS E 72 -25.47 19.70 19.43
C LYS E 72 -26.06 18.30 19.60
N LYS E 73 -25.20 17.35 19.90
CA LYS E 73 -25.61 15.96 20.05
C LYS E 73 -25.00 15.42 21.33
N GLY E 74 -25.80 14.69 22.10
CA GLY E 74 -25.34 14.11 23.35
C GLY E 74 -24.68 12.76 23.23
N ARG E 75 -24.69 12.19 22.03
CA ARG E 75 -24.07 10.89 21.81
C ARG E 75 -23.20 10.91 20.54
N VAL E 76 -21.95 10.49 20.68
CA VAL E 76 -21.00 10.44 19.57
C VAL E 76 -21.39 9.37 18.53
N THR E 77 -21.25 9.70 17.26
CA THR E 77 -21.56 8.76 16.19
C THR E 77 -20.37 8.66 15.24
N PRO E 78 -20.47 7.79 14.20
CA PRO E 78 -19.36 7.66 13.26
C PRO E 78 -19.06 8.96 12.53
N ARG E 79 -20.10 9.71 12.17
CA ARG E 79 -19.86 10.96 11.47
C ARG E 79 -19.01 11.88 12.34
N HIS E 80 -19.14 11.77 13.64
CA HIS E 80 -18.35 12.61 14.52
C HIS E 80 -16.92 12.13 14.50
N ILE E 81 -16.73 10.83 14.56
CA ILE E 81 -15.39 10.32 14.54
C ILE E 81 -14.72 10.73 13.24
N LEU E 82 -15.47 10.71 12.15
CA LEU E 82 -14.88 11.11 10.88
C LEU E 82 -14.38 12.53 11.01
N LEU E 83 -15.31 13.46 11.13
CA LEU E 83 -14.98 14.88 11.27
C LEU E 83 -13.81 15.09 12.24
N ALA E 84 -13.74 14.29 13.28
CA ALA E 84 -12.65 14.45 14.22
C ALA E 84 -11.35 14.08 13.54
N VAL E 85 -11.33 12.91 12.91
CA VAL E 85 -10.16 12.41 12.22
C VAL E 85 -9.88 13.19 10.95
N ALA E 86 -10.92 13.50 10.21
CA ALA E 86 -10.77 14.25 8.96
C ALA E 86 -10.09 15.59 9.15
N ASN E 87 -10.50 16.33 10.18
CA ASN E 87 -9.95 17.65 10.47
C ASN E 87 -8.63 17.75 11.25
N ASP E 88 -8.15 16.63 11.75
CA ASP E 88 -6.90 16.60 12.50
C ASP E 88 -5.84 16.09 11.55
N GLU E 89 -4.83 16.90 11.28
CA GLU E 89 -3.79 16.50 10.35
C GLU E 89 -3.16 15.15 10.64
N GLU E 90 -2.69 14.94 11.86
CA GLU E 90 -2.04 13.66 12.18
C GLU E 90 -2.95 12.45 12.31
N LEU E 91 -4.16 12.60 12.83
CA LEU E 91 -5.01 11.42 12.91
C LEU E 91 -5.38 11.06 11.48
N ASN E 92 -5.59 12.10 10.67
CA ASN E 92 -5.93 11.90 9.27
C ASN E 92 -4.82 11.14 8.58
N GLN E 93 -3.58 11.49 8.89
CA GLN E 93 -2.45 10.80 8.32
C GLN E 93 -2.41 9.34 8.78
N LEU E 94 -2.59 9.13 10.09
CA LEU E 94 -2.56 7.80 10.68
C LEU E 94 -3.63 6.91 10.11
N LEU E 95 -4.63 7.52 9.49
CA LEU E 95 -5.71 6.72 8.94
C LEU E 95 -5.87 6.77 7.40
N LYS E 96 -4.75 6.59 6.70
CA LYS E 96 -4.75 6.57 5.24
C LYS E 96 -5.43 5.27 4.87
N GLY E 97 -6.25 5.30 3.85
CA GLY E 97 -6.89 4.09 3.40
C GLY E 97 -7.80 3.45 4.41
N VAL E 98 -8.36 4.26 5.29
CA VAL E 98 -9.26 3.73 6.27
C VAL E 98 -10.61 4.31 5.87
N THR E 99 -11.63 3.47 5.85
CA THR E 99 -12.97 3.93 5.51
C THR E 99 -13.87 3.83 6.74
N ILE E 100 -14.35 4.98 7.18
CA ILE E 100 -15.23 5.01 8.34
C ILE E 100 -16.67 4.84 7.87
N ALA E 101 -17.14 3.62 8.06
CA ALA E 101 -18.49 3.26 7.67
C ALA E 101 -19.51 4.21 8.29
N SER E 102 -20.41 4.72 7.46
CA SER E 102 -21.45 5.62 7.93
C SER E 102 -20.85 6.97 8.28
N GLY E 103 -19.54 7.09 8.05
CA GLY E 103 -18.85 8.33 8.36
C GLY E 103 -19.17 9.59 7.58
N GLY E 104 -19.32 9.50 6.27
CA GLY E 104 -19.59 10.71 5.52
C GLY E 104 -18.28 11.30 5.01
N VAL E 105 -18.33 12.56 4.58
CA VAL E 105 -17.13 13.22 4.05
C VAL E 105 -17.02 14.63 4.58
N LEU E 106 -15.82 15.17 4.61
CA LEU E 106 -15.71 16.52 5.08
C LEU E 106 -16.44 17.42 4.10
N PRO E 107 -17.30 18.32 4.59
CA PRO E 107 -17.95 19.16 3.59
C PRO E 107 -16.84 19.98 3.00
N ASN E 108 -16.95 20.28 1.71
CA ASN E 108 -15.94 21.07 1.02
C ASN E 108 -16.30 21.26 -0.44
N ILE E 109 -16.62 22.49 -0.82
CA ILE E 109 -16.94 22.76 -2.22
C ILE E 109 -15.78 23.55 -2.80
N HIS E 110 -15.36 23.23 -4.01
CA HIS E 110 -14.27 23.99 -4.61
C HIS E 110 -14.85 25.32 -5.03
N PRO E 111 -14.06 26.39 -4.89
CA PRO E 111 -14.47 27.76 -5.26
C PRO E 111 -15.00 27.90 -6.67
N GLU E 112 -14.31 27.28 -7.62
CA GLU E 112 -14.69 27.34 -9.03
C GLU E 112 -16.10 26.84 -9.28
N LEU E 113 -16.63 26.11 -8.31
CA LEU E 113 -17.97 25.59 -8.47
C LEU E 113 -19.05 26.56 -8.01
N LEU E 114 -18.69 27.55 -7.21
CA LEU E 114 -19.64 28.55 -6.72
C LEU E 114 -19.91 29.52 -7.85
N ALA E 115 -21.19 29.74 -8.15
CA ALA E 115 -21.58 30.60 -9.26
C ALA E 115 -21.64 32.10 -9.00
N LYS E 116 -22.00 32.82 -10.06
CA LYS E 116 -22.10 34.28 -10.13
C LYS E 116 -20.69 34.86 -10.16
N LYS E 117 -20.51 36.14 -9.85
CA LYS E 117 -19.17 36.71 -9.91
C LYS E 117 -18.92 37.93 -8.99
N ARG F 34 -19.26 -16.55 23.62
CA ARG F 34 -18.87 -15.17 24.08
C ARG F 34 -17.78 -14.57 23.20
N LYS F 35 -17.82 -13.25 23.01
CA LYS F 35 -16.81 -12.57 22.21
C LYS F 35 -16.32 -11.29 22.88
N GLU F 36 -15.00 -11.11 22.88
CA GLU F 36 -14.40 -9.94 23.50
C GLU F 36 -14.20 -8.79 22.53
N SER F 37 -14.06 -7.60 23.12
CA SER F 37 -13.84 -6.37 22.38
C SER F 37 -13.27 -5.36 23.36
N TYR F 38 -13.05 -4.13 22.90
CA TYR F 38 -12.47 -3.08 23.73
C TYR F 38 -13.50 -2.12 24.31
N SER F 39 -14.73 -2.26 23.84
CA SER F 39 -15.83 -1.41 24.28
C SER F 39 -15.82 -0.89 25.71
N ILE F 40 -15.82 -1.78 26.71
CA ILE F 40 -15.83 -1.29 28.08
C ILE F 40 -14.73 -0.25 28.30
N TYR F 41 -13.53 -0.55 27.81
CA TYR F 41 -12.40 0.37 27.93
C TYR F 41 -12.63 1.65 27.12
N VAL F 42 -12.99 1.52 25.85
CA VAL F 42 -13.24 2.69 25.04
C VAL F 42 -14.24 3.54 25.78
N TYR F 43 -15.22 2.88 26.40
CA TYR F 43 -16.25 3.56 27.15
C TYR F 43 -15.71 4.21 28.44
N LYS F 44 -14.79 3.54 29.11
CA LYS F 44 -14.22 4.11 30.31
C LYS F 44 -13.51 5.39 29.92
N VAL F 45 -12.65 5.28 28.90
CA VAL F 45 -11.91 6.43 28.42
C VAL F 45 -12.88 7.52 27.94
N LEU F 46 -13.95 7.11 27.28
CA LEU F 46 -14.93 8.08 26.80
C LEU F 46 -15.46 8.92 27.95
N LYS F 47 -15.72 8.26 29.08
CA LYS F 47 -16.25 8.97 30.22
C LYS F 47 -15.29 9.92 30.93
N GLN F 48 -14.00 9.74 30.71
CA GLN F 48 -13.02 10.64 31.29
C GLN F 48 -12.88 11.93 30.49
N VAL F 49 -13.00 11.88 29.17
CA VAL F 49 -12.86 13.11 28.39
C VAL F 49 -14.08 14.01 28.62
N HIS F 50 -15.24 13.37 28.72
CA HIS F 50 -16.47 14.10 29.00
C HIS F 50 -17.53 13.15 29.55
N PRO F 51 -17.90 13.35 30.82
CA PRO F 51 -18.88 12.57 31.56
C PRO F 51 -20.30 12.57 31.01
N ASP F 52 -20.72 13.65 30.38
CA ASP F 52 -22.09 13.69 29.86
C ASP F 52 -22.28 13.29 28.41
N THR F 53 -21.32 12.57 27.83
CA THR F 53 -21.46 12.20 26.43
C THR F 53 -21.44 10.71 26.22
N GLY F 54 -22.40 10.21 25.44
CA GLY F 54 -22.44 8.78 25.18
C GLY F 54 -22.03 8.43 23.77
N ILE F 55 -22.05 7.15 23.44
CA ILE F 55 -21.66 6.75 22.10
C ILE F 55 -22.58 5.70 21.46
N SER F 56 -22.92 5.87 20.19
CA SER F 56 -23.77 4.89 19.51
C SER F 56 -23.00 3.57 19.39
N SER F 57 -23.70 2.46 19.27
CA SER F 57 -23.04 1.15 19.18
C SER F 57 -22.27 1.08 17.89
N LYS F 58 -22.74 1.83 16.90
CA LYS F 58 -22.13 1.91 15.58
C LYS F 58 -20.77 2.61 15.71
N ALA F 59 -20.75 3.74 16.40
CA ALA F 59 -19.52 4.49 16.60
C ALA F 59 -18.60 3.66 17.47
N MET F 60 -19.18 2.87 18.37
CA MET F 60 -18.37 2.05 19.24
C MET F 60 -17.76 0.95 18.37
N GLY F 61 -18.52 0.54 17.35
CA GLY F 61 -18.06 -0.49 16.45
C GLY F 61 -16.83 0.00 15.71
N ILE F 62 -16.76 1.31 15.53
CA ILE F 62 -15.64 1.95 14.85
C ILE F 62 -14.43 2.10 15.76
N MET F 63 -14.66 2.54 17.01
CA MET F 63 -13.52 2.68 17.92
C MET F 63 -12.86 1.32 18.09
N ASN F 64 -13.65 0.27 17.86
CA ASN F 64 -13.16 -1.07 17.96
C ASN F 64 -12.25 -1.42 16.79
N SER F 65 -12.70 -1.08 15.58
CA SER F 65 -11.92 -1.37 14.39
C SER F 65 -10.58 -0.65 14.52
N PHE F 66 -10.64 0.55 15.07
CA PHE F 66 -9.43 1.35 15.25
C PHE F 66 -8.41 0.68 16.18
N VAL F 67 -8.83 0.41 17.41
CA VAL F 67 -7.95 -0.24 18.37
C VAL F 67 -7.33 -1.52 17.79
N ASN F 68 -8.20 -2.40 17.30
CA ASN F 68 -7.75 -3.66 16.72
C ASN F 68 -6.81 -3.43 15.56
N ASP F 69 -7.13 -2.45 14.72
CA ASP F 69 -6.28 -2.13 13.57
C ASP F 69 -4.87 -1.79 14.05
N ILE F 70 -4.74 -0.67 14.76
CA ILE F 70 -3.44 -0.23 15.26
C ILE F 70 -2.78 -1.28 16.17
N PHE F 71 -3.57 -1.96 16.99
CA PHE F 71 -2.96 -2.97 17.83
C PHE F 71 -2.16 -3.90 16.94
N GLU F 72 -2.68 -4.20 15.76
CA GLU F 72 -2.01 -5.11 14.87
C GLU F 72 -0.80 -4.44 14.24
N ARG F 73 -0.98 -3.27 13.65
CA ARG F 73 0.13 -2.58 13.00
C ARG F 73 1.38 -2.56 13.87
N ILE F 74 1.21 -2.12 15.11
CA ILE F 74 2.28 -2.03 16.09
C ILE F 74 2.95 -3.36 16.37
N ALA F 75 2.15 -4.35 16.75
CA ALA F 75 2.71 -5.66 17.05
C ALA F 75 3.39 -6.23 15.80
N SER F 76 2.81 -6.02 14.64
CA SER F 76 3.41 -6.56 13.44
C SER F 76 4.73 -5.92 13.04
N GLU F 77 4.94 -4.66 13.38
CA GLU F 77 6.22 -4.02 13.06
C GLU F 77 7.15 -4.48 14.15
N ALA F 78 6.58 -4.64 15.35
CA ALA F 78 7.32 -5.05 16.52
C ALA F 78 8.15 -6.30 16.29
N SER F 79 7.54 -7.30 15.66
CA SER F 79 8.26 -8.55 15.40
C SER F 79 9.12 -8.38 14.16
N ARG F 80 8.52 -7.81 13.13
CA ARG F 80 9.23 -7.56 11.89
C ARG F 80 10.50 -6.78 12.24
N LEU F 81 10.56 -6.34 13.49
CA LEU F 81 11.68 -5.56 14.01
C LEU F 81 12.53 -6.42 14.91
N ALA F 82 11.87 -7.07 15.87
CA ALA F 82 12.56 -7.95 16.78
C ALA F 82 13.23 -9.04 15.96
N HIS F 83 12.72 -9.21 14.74
CA HIS F 83 13.24 -10.22 13.84
C HIS F 83 14.48 -9.74 13.10
N TYR F 84 14.33 -8.64 12.37
CA TYR F 84 15.44 -8.08 11.61
C TYR F 84 16.75 -8.04 12.41
N ASN F 85 16.65 -7.98 13.73
CA ASN F 85 17.84 -7.94 14.58
C ASN F 85 18.16 -9.30 15.17
N LYS F 86 17.59 -10.35 14.59
CA LYS F 86 17.83 -11.71 15.06
C LYS F 86 17.55 -11.85 16.55
N ARG F 87 16.43 -11.31 17.01
CA ARG F 87 16.06 -11.42 18.40
C ARG F 87 14.90 -12.40 18.57
N SER F 88 14.75 -12.94 19.77
CA SER F 88 13.69 -13.90 20.04
C SER F 88 12.74 -13.39 21.11
N THR F 89 12.65 -12.07 21.24
CA THR F 89 11.76 -11.46 22.24
C THR F 89 11.23 -10.09 21.81
N ILE F 90 9.93 -9.90 21.99
CA ILE F 90 9.28 -8.64 21.68
C ILE F 90 9.30 -7.90 23.01
N THR F 91 10.04 -6.79 23.10
CA THR F 91 10.07 -6.05 24.35
C THR F 91 9.49 -4.64 24.18
N SER F 92 9.33 -3.94 25.28
CA SER F 92 8.80 -2.59 25.23
C SER F 92 9.65 -1.80 24.25
N ARG F 93 10.92 -2.18 24.14
CA ARG F 93 11.82 -1.49 23.23
C ARG F 93 11.41 -1.69 21.78
N GLU F 94 11.02 -2.91 21.43
CA GLU F 94 10.60 -3.15 20.06
C GLU F 94 9.30 -2.36 19.90
N VAL F 95 8.36 -2.57 20.81
CA VAL F 95 7.08 -1.88 20.75
C VAL F 95 7.26 -0.38 20.55
N GLN F 96 8.23 0.20 21.24
CA GLN F 96 8.46 1.63 21.10
C GLN F 96 9.01 2.00 19.72
N THR F 97 10.03 1.30 19.26
CA THR F 97 10.57 1.63 17.93
C THR F 97 9.44 1.54 16.92
N ALA F 98 8.62 0.51 17.07
CA ALA F 98 7.47 0.31 16.20
C ALA F 98 6.67 1.60 16.15
N VAL F 99 6.13 1.94 17.31
CA VAL F 99 5.34 3.14 17.50
C VAL F 99 5.98 4.33 16.80
N ARG F 100 7.29 4.49 16.97
CA ARG F 100 8.00 5.62 16.34
C ARG F 100 7.82 5.61 14.83
N LEU F 101 8.07 4.46 14.21
CA LEU F 101 7.92 4.27 12.78
C LEU F 101 6.44 4.45 12.34
N LEU F 102 5.53 3.83 13.08
CA LEU F 102 4.10 3.88 12.77
C LEU F 102 3.29 5.18 12.99
N LEU F 103 3.70 6.07 13.89
CA LEU F 103 2.89 7.27 14.12
C LEU F 103 3.47 8.59 13.66
N PRO F 104 2.59 9.56 13.32
CA PRO F 104 2.92 10.91 12.86
C PRO F 104 3.64 11.66 13.98
N GLY F 105 4.57 12.52 13.61
CA GLY F 105 5.33 13.29 14.59
C GLY F 105 4.82 13.49 16.01
N GLU F 106 3.84 14.37 16.20
CA GLU F 106 3.31 14.66 17.52
C GLU F 106 2.65 13.49 18.25
N LEU F 107 1.82 12.72 17.55
CA LEU F 107 1.16 11.60 18.20
C LEU F 107 2.21 10.63 18.67
N ALA F 108 3.21 10.42 17.84
CA ALA F 108 4.29 9.52 18.15
C ALA F 108 4.95 9.88 19.49
N LYS F 109 5.26 11.16 19.67
CA LYS F 109 5.89 11.64 20.91
C LYS F 109 5.05 11.39 22.15
N HIS F 110 3.85 11.96 22.19
CA HIS F 110 3.01 11.78 23.35
C HIS F 110 2.70 10.30 23.60
N ALA F 111 2.70 9.51 22.54
CA ALA F 111 2.45 8.08 22.68
C ALA F 111 3.64 7.43 23.40
N VAL F 112 4.85 7.71 22.91
CA VAL F 112 6.08 7.18 23.52
C VAL F 112 6.20 7.57 25.01
N SER F 113 5.83 8.80 25.33
CA SER F 113 5.88 9.24 26.71
C SER F 113 4.98 8.30 27.46
N GLU F 114 3.69 8.34 27.14
CA GLU F 114 2.68 7.49 27.76
C GLU F 114 3.15 6.06 28.04
N GLY F 115 3.70 5.41 27.02
CA GLY F 115 4.17 4.05 27.20
C GLY F 115 5.36 4.05 28.12
N THR F 116 6.35 4.87 27.78
CA THR F 116 7.55 4.96 28.59
C THR F 116 7.12 5.08 30.05
N LYS F 117 6.15 5.96 30.28
CA LYS F 117 5.62 6.22 31.61
C LYS F 117 5.01 4.97 32.25
N ALA F 118 4.00 4.41 31.61
CA ALA F 118 3.30 3.22 32.11
C ALA F 118 4.20 2.02 32.40
N VAL F 119 5.23 1.83 31.58
CA VAL F 119 6.14 0.71 31.77
C VAL F 119 6.99 1.01 33.00
N THR F 120 7.39 2.26 33.15
CA THR F 120 8.16 2.65 34.30
C THR F 120 7.34 2.31 35.55
N LYS F 121 6.10 2.78 35.57
CA LYS F 121 5.19 2.53 36.69
C LYS F 121 5.03 1.05 36.96
N TYR F 122 4.85 0.26 35.91
CA TYR F 122 4.68 -1.17 36.09
C TYR F 122 5.95 -1.73 36.74
N THR F 123 7.10 -1.26 36.28
CA THR F 123 8.37 -1.71 36.79
C THR F 123 8.65 -1.05 38.13
N SER F 124 7.73 -1.26 39.07
CA SER F 124 7.87 -0.70 40.41
C SER F 124 6.61 -1.05 41.19
N SER F 125 5.62 -1.58 40.49
CA SER F 125 4.36 -1.98 41.12
C SER F 125 4.65 -3.17 42.01
N LYS F 126 5.75 -3.86 41.72
CA LYS F 126 6.17 -5.02 42.50
C LYS F 126 7.64 -5.31 42.20
N PRO G 39 -43.81 31.09 -13.75
CA PRO G 39 -43.28 29.81 -13.23
C PRO G 39 -41.83 29.98 -12.75
N HIS G 40 -41.62 29.81 -11.45
CA HIS G 40 -40.28 29.94 -10.88
C HIS G 40 -39.36 28.84 -11.38
N ARG G 41 -38.06 29.11 -11.37
CA ARG G 41 -37.10 28.13 -11.86
C ARG G 41 -35.64 28.54 -11.61
N TYR G 42 -34.94 27.69 -10.87
CA TYR G 42 -33.55 27.93 -10.55
C TYR G 42 -32.70 27.79 -11.79
N ARG G 43 -31.62 28.56 -11.83
CA ARG G 43 -30.71 28.50 -12.95
C ARG G 43 -29.86 27.23 -12.85
N PRO G 44 -29.41 26.71 -13.99
CA PRO G 44 -28.60 25.49 -13.98
C PRO G 44 -27.34 25.64 -13.14
N GLY G 45 -27.25 24.82 -12.10
CA GLY G 45 -26.09 24.86 -11.22
C GLY G 45 -26.48 25.19 -9.81
N THR G 46 -27.59 25.90 -9.63
CA THR G 46 -28.05 26.28 -8.29
C THR G 46 -28.51 25.09 -7.50
N VAL G 47 -29.22 24.19 -8.18
CA VAL G 47 -29.70 23.00 -7.49
C VAL G 47 -28.54 22.03 -7.18
N ALA G 48 -27.58 21.91 -8.10
CA ALA G 48 -26.46 21.01 -7.89
C ALA G 48 -25.73 21.36 -6.62
N LEU G 49 -25.36 22.63 -6.48
CA LEU G 49 -24.66 23.09 -5.29
C LEU G 49 -25.56 22.83 -4.09
N ARG G 50 -26.87 22.85 -4.30
CA ARG G 50 -27.78 22.54 -3.20
C ARG G 50 -27.49 21.08 -2.83
N GLU G 51 -27.62 20.19 -3.83
CA GLU G 51 -27.35 18.77 -3.65
C GLU G 51 -26.01 18.48 -2.97
N ILE G 52 -24.92 19.04 -3.49
CA ILE G 52 -23.61 18.81 -2.89
C ILE G 52 -23.63 19.07 -1.39
N ARG G 53 -24.05 20.29 -1.00
CA ARG G 53 -24.12 20.64 0.43
C ARG G 53 -24.97 19.58 1.12
N ARG G 54 -26.10 19.25 0.50
CA ARG G 54 -26.98 18.25 1.07
C ARG G 54 -26.29 16.94 1.35
N TYR G 55 -25.78 16.33 0.28
CA TYR G 55 -25.17 15.01 0.40
C TYR G 55 -23.83 14.95 1.14
N GLN G 56 -23.14 16.08 1.25
CA GLN G 56 -21.89 16.12 1.98
C GLN G 56 -22.15 16.24 3.47
N LYS G 57 -23.36 16.66 3.82
CA LYS G 57 -23.70 16.81 5.21
C LYS G 57 -24.23 15.50 5.78
N SER G 58 -24.80 14.65 4.93
CA SER G 58 -25.36 13.38 5.40
C SER G 58 -24.40 12.19 5.29
N THR G 59 -24.88 10.99 5.64
CA THR G 59 -24.04 9.80 5.60
C THR G 59 -24.70 8.51 5.12
N GLU G 60 -26.00 8.57 4.83
CA GLU G 60 -26.74 7.39 4.37
C GLU G 60 -26.18 6.86 3.08
N LEU G 61 -26.37 5.57 2.80
CA LEU G 61 -25.89 4.99 1.54
C LEU G 61 -26.70 5.65 0.40
N LEU G 62 -26.07 5.80 -0.76
CA LEU G 62 -26.72 6.45 -1.88
C LEU G 62 -27.21 5.50 -2.98
N ILE G 63 -26.87 4.23 -2.86
CA ILE G 63 -27.29 3.23 -3.83
C ILE G 63 -28.43 2.40 -3.22
N ARG G 64 -29.41 2.03 -4.04
CA ARG G 64 -30.53 1.24 -3.54
C ARG G 64 -29.93 -0.08 -3.05
N LYS G 65 -30.41 -0.54 -1.91
CA LYS G 65 -29.89 -1.76 -1.31
C LYS G 65 -30.16 -3.02 -2.09
N LEU G 66 -31.42 -3.28 -2.44
CA LEU G 66 -31.74 -4.49 -3.19
C LEU G 66 -31.04 -4.57 -4.55
N PRO G 67 -31.14 -3.51 -5.39
CA PRO G 67 -30.49 -3.50 -6.69
C PRO G 67 -29.01 -3.81 -6.55
N PHE G 68 -28.44 -3.41 -5.41
CA PHE G 68 -27.04 -3.64 -5.11
C PHE G 68 -26.81 -5.09 -4.71
N GLN G 69 -27.71 -5.66 -3.93
CA GLN G 69 -27.56 -7.03 -3.50
C GLN G 69 -27.58 -7.98 -4.71
N ARG G 70 -28.49 -7.72 -5.64
CA ARG G 70 -28.59 -8.53 -6.85
C ARG G 70 -27.25 -8.47 -7.55
N LEU G 71 -26.69 -7.27 -7.61
CA LEU G 71 -25.42 -7.07 -8.27
C LEU G 71 -24.33 -7.92 -7.62
N VAL G 72 -24.32 -7.93 -6.31
CA VAL G 72 -23.31 -8.66 -5.57
C VAL G 72 -23.46 -10.14 -5.81
N ARG G 73 -24.69 -10.61 -5.83
CA ARG G 73 -24.92 -12.04 -6.03
C ARG G 73 -24.68 -12.48 -7.49
N GLU G 74 -25.06 -11.61 -8.41
CA GLU G 74 -24.88 -11.89 -9.82
C GLU G 74 -23.40 -12.16 -10.06
N ILE G 75 -22.57 -11.26 -9.55
CA ILE G 75 -21.13 -11.37 -9.74
C ILE G 75 -20.54 -12.56 -9.04
N ALA G 76 -20.93 -12.77 -7.79
CA ALA G 76 -20.40 -13.88 -7.02
C ALA G 76 -20.79 -15.16 -7.70
N GLN G 77 -22.05 -15.24 -8.10
CA GLN G 77 -22.58 -16.42 -8.77
C GLN G 77 -21.70 -16.75 -9.96
N ASP G 78 -21.30 -15.72 -10.69
CA ASP G 78 -20.47 -15.90 -11.86
C ASP G 78 -19.03 -16.31 -11.49
N PHE G 79 -18.79 -16.58 -10.21
CA PHE G 79 -17.46 -17.01 -9.73
C PHE G 79 -17.52 -18.38 -9.08
N LYS G 80 -18.49 -18.57 -8.19
CA LYS G 80 -18.69 -19.82 -7.49
C LYS G 80 -20.19 -19.95 -7.28
N THR G 81 -20.80 -21.04 -7.73
CA THR G 81 -22.25 -21.20 -7.55
C THR G 81 -22.61 -21.55 -6.11
N ASP G 82 -23.88 -21.35 -5.79
CA ASP G 82 -24.44 -21.68 -4.48
C ASP G 82 -23.72 -21.04 -3.31
N LEU G 83 -23.61 -19.73 -3.30
CA LEU G 83 -22.93 -19.06 -2.18
C LEU G 83 -23.99 -18.41 -1.35
N ARG G 84 -23.61 -18.07 -0.13
CA ARG G 84 -24.52 -17.40 0.77
C ARG G 84 -23.79 -16.18 1.27
N PHE G 85 -24.54 -15.14 1.59
CA PHE G 85 -23.94 -13.91 2.07
C PHE G 85 -24.51 -13.45 3.40
N GLN G 86 -23.64 -13.16 4.36
CA GLN G 86 -24.12 -12.61 5.61
C GLN G 86 -24.70 -11.22 5.26
N SER G 87 -25.72 -10.79 5.98
CA SER G 87 -26.27 -9.48 5.66
C SER G 87 -25.11 -8.49 5.73
N SER G 88 -24.38 -8.54 6.84
CA SER G 88 -23.25 -7.65 7.06
C SER G 88 -22.24 -7.66 5.91
N ALA G 89 -22.01 -8.81 5.30
CA ALA G 89 -21.07 -8.89 4.18
C ALA G 89 -21.53 -7.98 3.06
N VAL G 90 -22.79 -8.13 2.65
CA VAL G 90 -23.31 -7.28 1.59
C VAL G 90 -23.15 -5.83 2.01
N MET G 91 -23.51 -5.50 3.25
CA MET G 91 -23.38 -4.13 3.71
C MET G 91 -21.91 -3.67 3.74
N ALA G 92 -21.01 -4.58 4.11
CA ALA G 92 -19.60 -4.25 4.13
C ALA G 92 -19.17 -3.90 2.71
N LEU G 93 -19.66 -4.69 1.74
CA LEU G 93 -19.33 -4.47 0.35
C LEU G 93 -19.88 -3.14 -0.15
N GLN G 94 -21.08 -2.81 0.27
CA GLN G 94 -21.66 -1.58 -0.21
C GLN G 94 -20.98 -0.39 0.42
N GLU G 95 -20.54 -0.54 1.68
CA GLU G 95 -19.85 0.54 2.36
C GLU G 95 -18.59 0.82 1.54
N ALA G 96 -17.81 -0.23 1.34
CA ALA G 96 -16.58 -0.16 0.57
C ALA G 96 -16.76 0.45 -0.82
N CYS G 97 -17.77 -0.01 -1.56
CA CYS G 97 -18.04 0.48 -2.91
C CYS G 97 -18.37 1.97 -2.99
N GLU G 98 -19.32 2.40 -2.17
CA GLU G 98 -19.71 3.79 -2.19
C GLU G 98 -18.57 4.71 -1.75
N ALA G 99 -17.79 4.26 -0.79
CA ALA G 99 -16.67 5.06 -0.33
C ALA G 99 -15.71 5.22 -1.50
N TYR G 100 -15.36 4.09 -2.11
CA TYR G 100 -14.45 4.05 -3.24
C TYR G 100 -14.83 5.06 -4.32
N LEU G 101 -16.05 4.97 -4.81
CA LEU G 101 -16.50 5.88 -5.87
C LEU G 101 -16.60 7.34 -5.42
N VAL G 102 -16.85 7.58 -4.15
CA VAL G 102 -16.95 8.96 -3.72
C VAL G 102 -15.56 9.58 -3.77
N GLY G 103 -14.54 8.75 -3.59
CA GLY G 103 -13.18 9.24 -3.65
C GLY G 103 -12.73 9.41 -5.08
N LEU G 104 -13.09 8.47 -5.93
CA LEU G 104 -12.74 8.52 -7.35
C LEU G 104 -13.37 9.78 -7.92
N PHE G 105 -14.54 10.14 -7.40
CA PHE G 105 -15.24 11.32 -7.86
C PHE G 105 -14.56 12.60 -7.38
N GLU G 106 -14.01 12.57 -6.16
CA GLU G 106 -13.31 13.73 -5.63
C GLU G 106 -12.07 14.03 -6.49
N ASP G 107 -11.33 12.98 -6.80
CA ASP G 107 -10.13 13.14 -7.61
C ASP G 107 -10.54 13.46 -9.02
N THR G 108 -11.62 12.84 -9.48
CA THR G 108 -12.08 13.12 -10.82
C THR G 108 -12.38 14.61 -10.91
N ASN G 109 -12.90 15.15 -9.82
CA ASN G 109 -13.26 16.55 -9.79
C ASN G 109 -12.03 17.47 -9.76
N LEU G 110 -10.95 17.03 -9.11
CA LEU G 110 -9.74 17.84 -9.11
C LEU G 110 -9.26 17.93 -10.55
N CYS G 111 -9.33 16.81 -11.26
CA CYS G 111 -8.90 16.74 -12.65
C CYS G 111 -9.69 17.62 -13.60
N ALA G 112 -11.00 17.67 -13.41
CA ALA G 112 -11.85 18.51 -14.26
C ALA G 112 -11.46 19.96 -14.06
N ILE G 113 -11.43 20.36 -12.79
CA ILE G 113 -11.07 21.70 -12.37
C ILE G 113 -9.67 22.04 -12.82
N HIS G 114 -8.80 21.05 -12.86
CA HIS G 114 -7.44 21.29 -13.29
C HIS G 114 -7.42 21.67 -14.77
N ALA G 115 -8.41 21.17 -15.52
CA ALA G 115 -8.49 21.44 -16.94
C ALA G 115 -9.36 22.64 -17.17
N LYS G 116 -9.57 23.42 -16.11
CA LYS G 116 -10.39 24.62 -16.17
C LYS G 116 -11.82 24.30 -16.53
N ARG G 117 -12.34 23.18 -16.02
CA ARG G 117 -13.71 22.77 -16.29
C ARG G 117 -14.44 22.51 -14.97
N VAL G 118 -15.76 22.50 -15.02
CA VAL G 118 -16.54 22.18 -13.83
C VAL G 118 -17.37 20.93 -14.04
N THR G 119 -17.37 20.45 -15.29
CA THR G 119 -18.10 19.26 -15.70
C THR G 119 -17.15 18.09 -15.80
N ILE G 120 -17.32 17.05 -14.98
CA ILE G 120 -16.42 15.90 -15.10
C ILE G 120 -16.75 15.09 -16.36
N MET G 121 -15.71 14.52 -16.95
CA MET G 121 -15.84 13.74 -18.17
C MET G 121 -15.04 12.46 -18.01
N PRO G 122 -15.33 11.43 -18.81
CA PRO G 122 -14.62 10.16 -18.74
C PRO G 122 -13.09 10.27 -18.67
N LYS G 123 -12.51 11.11 -19.52
CA LYS G 123 -11.07 11.33 -19.52
C LYS G 123 -10.62 11.88 -18.16
N ASP G 124 -11.54 12.43 -17.38
CA ASP G 124 -11.16 12.92 -16.06
C ASP G 124 -10.98 11.68 -15.18
N ILE G 125 -12.02 10.84 -15.13
CA ILE G 125 -11.96 9.63 -14.35
C ILE G 125 -10.74 8.83 -14.73
N GLN G 126 -10.45 8.78 -16.02
CA GLN G 126 -9.30 8.03 -16.52
C GLN G 126 -7.94 8.52 -16.05
N LEU G 127 -7.76 9.84 -15.94
CA LEU G 127 -6.51 10.42 -15.47
C LEU G 127 -6.34 10.10 -14.00
N ALA G 128 -7.40 10.32 -13.24
CA ALA G 128 -7.40 10.06 -11.81
C ALA G 128 -7.04 8.61 -11.58
N ARG G 129 -7.76 7.72 -12.24
CA ARG G 129 -7.50 6.29 -12.07
C ARG G 129 -6.08 5.94 -12.40
N ARG G 130 -5.59 6.45 -13.53
CA ARG G 130 -4.21 6.22 -13.96
C ARG G 130 -3.17 6.64 -12.90
N ILE G 131 -3.31 7.85 -12.36
CA ILE G 131 -2.36 8.34 -11.38
C ILE G 131 -2.45 7.54 -10.09
N ARG G 132 -3.62 7.00 -9.81
CA ARG G 132 -3.85 6.21 -8.61
C ARG G 132 -3.24 4.81 -8.70
N GLY G 133 -2.87 4.42 -9.91
CA GLY G 133 -2.26 3.11 -10.11
C GLY G 133 -3.24 2.06 -10.53
N GLU G 134 -4.52 2.43 -10.55
CA GLU G 134 -5.57 1.51 -10.91
C GLU G 134 -5.51 1.10 -12.37
N ARG G 135 -5.30 2.06 -13.26
CA ARG G 135 -5.27 1.80 -14.69
C ARG G 135 -4.66 0.43 -15.02
N ALA G 136 -5.51 -0.58 -14.87
CA ALA G 136 -5.12 -1.97 -15.14
C ALA G 136 -6.12 -2.47 -16.17
N LYS H 21 -34.98 -17.34 -10.95
CA LYS H 21 -34.73 -15.88 -10.99
C LYS H 21 -33.78 -15.47 -12.12
N VAL H 22 -32.55 -16.00 -12.08
CA VAL H 22 -31.49 -15.71 -13.07
C VAL H 22 -31.07 -14.25 -13.08
N LEU H 23 -29.93 -13.97 -12.47
CA LEU H 23 -29.43 -12.60 -12.41
C LEU H 23 -28.75 -12.18 -13.73
N ARG H 24 -29.21 -11.08 -14.30
CA ARG H 24 -28.69 -10.55 -15.55
C ARG H 24 -28.70 -9.04 -15.54
N ASP H 25 -27.62 -8.46 -16.05
CA ASP H 25 -27.46 -7.01 -16.15
C ASP H 25 -27.91 -6.19 -14.93
N ASN H 26 -27.44 -6.58 -13.74
CA ASN H 26 -27.81 -5.86 -12.53
C ASN H 26 -26.94 -4.64 -12.25
N ILE H 27 -25.92 -4.44 -13.07
CA ILE H 27 -25.05 -3.27 -12.90
C ILE H 27 -25.93 -2.07 -13.26
N GLN H 28 -27.00 -2.32 -14.00
CA GLN H 28 -27.91 -1.24 -14.38
C GLN H 28 -28.72 -0.83 -13.15
N GLY H 29 -28.50 -1.50 -12.03
CA GLY H 29 -29.19 -1.13 -10.81
C GLY H 29 -28.53 0.13 -10.27
N ILE H 30 -27.28 0.35 -10.68
CA ILE H 30 -26.54 1.53 -10.29
C ILE H 30 -27.06 2.56 -11.26
N THR H 31 -28.19 3.15 -10.91
CA THR H 31 -28.84 4.11 -11.77
C THR H 31 -28.18 5.48 -11.86
N LYS H 32 -28.54 6.21 -12.91
CA LYS H 32 -28.02 7.55 -13.12
C LYS H 32 -28.29 8.39 -11.87
N PRO H 33 -29.53 8.37 -11.34
CA PRO H 33 -29.80 9.16 -10.13
C PRO H 33 -28.78 8.82 -9.05
N ALA H 34 -28.59 7.53 -8.84
CA ALA H 34 -27.66 7.06 -7.84
C ALA H 34 -26.28 7.67 -8.03
N ILE H 35 -25.66 7.38 -9.18
CA ILE H 35 -24.32 7.86 -9.49
C ILE H 35 -24.19 9.36 -9.28
N ARG H 36 -25.26 10.10 -9.56
CA ARG H 36 -25.25 11.55 -9.36
C ARG H 36 -25.11 11.82 -7.88
N ARG H 37 -25.89 11.11 -7.07
CA ARG H 37 -25.78 11.32 -5.64
C ARG H 37 -24.35 11.06 -5.22
N LEU H 38 -23.78 9.94 -5.63
CA LEU H 38 -22.41 9.64 -5.27
C LEU H 38 -21.50 10.79 -5.67
N ALA H 39 -21.71 11.33 -6.86
CA ALA H 39 -20.88 12.45 -7.35
C ALA H 39 -21.09 13.74 -6.53
N ARG H 40 -22.29 13.94 -6.00
CA ARG H 40 -22.56 15.14 -5.22
C ARG H 40 -21.79 15.08 -3.90
N ARG H 41 -21.75 13.92 -3.28
CA ARG H 41 -21.02 13.80 -2.05
C ARG H 41 -19.55 13.95 -2.42
N GLY H 42 -19.22 13.58 -3.66
CA GLY H 42 -17.86 13.71 -4.13
C GLY H 42 -17.52 15.16 -4.47
N GLY H 43 -18.50 16.04 -4.32
CA GLY H 43 -18.27 17.45 -4.60
C GLY H 43 -18.42 17.91 -6.05
N VAL H 44 -18.95 17.04 -6.92
CA VAL H 44 -19.10 17.38 -8.33
C VAL H 44 -20.36 18.12 -8.64
N LYS H 45 -20.22 19.22 -9.39
CA LYS H 45 -21.35 20.09 -9.75
C LYS H 45 -21.95 19.88 -11.15
N ARG H 46 -21.15 19.39 -12.10
CA ARG H 46 -21.69 19.10 -13.45
C ARG H 46 -21.10 17.78 -13.89
N ILE H 47 -21.93 16.97 -14.56
CA ILE H 47 -21.51 15.65 -14.99
C ILE H 47 -21.73 15.34 -16.47
N SER H 48 -20.66 15.06 -17.19
CA SER H 48 -20.78 14.70 -18.59
C SER H 48 -21.76 13.54 -18.71
N GLY H 49 -22.39 13.38 -19.88
CA GLY H 49 -23.35 12.31 -20.05
C GLY H 49 -22.73 10.93 -20.14
N LEU H 50 -21.47 10.84 -20.53
CA LEU H 50 -20.82 9.53 -20.64
C LEU H 50 -20.23 9.04 -19.34
N ILE H 51 -20.50 9.75 -18.26
CA ILE H 51 -19.98 9.36 -16.95
C ILE H 51 -20.68 8.11 -16.40
N TYR H 52 -22.01 8.16 -16.35
CA TYR H 52 -22.82 7.05 -15.81
C TYR H 52 -22.35 5.70 -16.32
N GLU H 53 -22.11 5.54 -17.62
CA GLU H 53 -21.67 4.24 -18.08
C GLU H 53 -20.23 4.00 -17.69
N GLU H 54 -19.41 5.03 -17.81
CA GLU H 54 -18.00 4.94 -17.47
C GLU H 54 -17.87 4.42 -16.06
N THR H 55 -18.65 5.02 -15.16
CA THR H 55 -18.68 4.68 -13.75
C THR H 55 -19.13 3.26 -13.45
N ARG H 56 -20.15 2.78 -14.12
CA ARG H 56 -20.58 1.41 -13.87
C ARG H 56 -19.41 0.50 -14.26
N GLY H 57 -18.70 0.91 -15.30
CA GLY H 57 -17.57 0.13 -15.75
C GLY H 57 -16.59 -0.02 -14.62
N VAL H 58 -16.14 1.12 -14.11
CA VAL H 58 -15.21 1.19 -13.02
C VAL H 58 -15.67 0.42 -11.78
N LEU H 59 -16.95 0.59 -11.45
CA LEU H 59 -17.54 -0.09 -10.30
C LEU H 59 -17.57 -1.62 -10.42
N LYS H 60 -18.01 -2.14 -11.57
CA LYS H 60 -18.07 -3.59 -11.75
C LYS H 60 -16.68 -4.20 -11.59
N VAL H 61 -15.64 -3.48 -12.00
CA VAL H 61 -14.29 -4.01 -11.84
C VAL H 61 -13.91 -4.12 -10.35
N PHE H 62 -13.95 -2.99 -9.64
CA PHE H 62 -13.63 -2.96 -8.22
C PHE H 62 -14.44 -4.02 -7.45
N LEU H 63 -15.76 -4.02 -7.66
CA LEU H 63 -16.63 -4.98 -7.00
C LEU H 63 -16.22 -6.43 -7.32
N GLU H 64 -16.04 -6.76 -8.61
CA GLU H 64 -15.61 -8.12 -9.00
C GLU H 64 -14.31 -8.52 -8.30
N ASN H 65 -13.38 -7.59 -8.18
CA ASN H 65 -12.12 -7.90 -7.53
C ASN H 65 -12.29 -8.16 -6.04
N VAL H 66 -12.98 -7.27 -5.34
CA VAL H 66 -13.20 -7.47 -3.90
C VAL H 66 -13.87 -8.81 -3.67
N ILE H 67 -14.96 -9.06 -4.40
CA ILE H 67 -15.72 -10.29 -4.24
C ILE H 67 -14.86 -11.49 -4.58
N ARG H 68 -14.06 -11.36 -5.62
CA ARG H 68 -13.21 -12.46 -6.01
C ARG H 68 -12.27 -12.87 -4.88
N ASP H 69 -11.65 -11.90 -4.21
CA ASP H 69 -10.73 -12.27 -3.13
C ASP H 69 -11.54 -12.84 -1.99
N ALA H 70 -12.62 -12.13 -1.63
CA ALA H 70 -13.50 -12.53 -0.54
C ALA H 70 -13.88 -13.98 -0.69
N VAL H 71 -14.51 -14.30 -1.82
CA VAL H 71 -14.91 -15.66 -2.10
C VAL H 71 -13.74 -16.62 -1.98
N THR H 72 -12.54 -16.18 -2.37
CA THR H 72 -11.37 -17.05 -2.24
C THR H 72 -11.18 -17.42 -0.77
N TYR H 73 -11.14 -16.42 0.12
CA TYR H 73 -10.98 -16.68 1.55
C TYR H 73 -12.07 -17.63 1.99
N THR H 74 -13.30 -17.37 1.54
CA THR H 74 -14.42 -18.23 1.89
C THR H 74 -14.21 -19.69 1.46
N GLU H 75 -13.82 -19.90 0.20
CA GLU H 75 -13.57 -21.24 -0.29
C GLU H 75 -12.46 -21.89 0.51
N HIS H 76 -11.50 -21.09 0.96
CA HIS H 76 -10.40 -21.64 1.72
C HIS H 76 -10.88 -22.15 3.09
N ALA H 77 -11.77 -21.39 3.72
CA ALA H 77 -12.30 -21.77 5.02
C ALA H 77 -13.26 -22.93 4.83
N LYS H 78 -13.42 -23.34 3.57
CA LYS H 78 -14.34 -24.42 3.22
C LYS H 78 -15.75 -24.09 3.70
N ARG H 79 -16.21 -22.88 3.43
CA ARG H 79 -17.55 -22.46 3.82
C ARG H 79 -18.36 -22.20 2.57
N LYS H 80 -19.67 -22.11 2.72
CA LYS H 80 -20.52 -21.81 1.58
C LYS H 80 -21.13 -20.44 1.79
N THR H 81 -20.66 -19.76 2.83
CA THR H 81 -21.15 -18.43 3.17
C THR H 81 -20.07 -17.37 3.25
N VAL H 82 -20.24 -16.32 2.45
CA VAL H 82 -19.31 -15.18 2.46
C VAL H 82 -19.66 -14.38 3.72
N THR H 83 -18.70 -14.30 4.64
CA THR H 83 -18.91 -13.58 5.88
C THR H 83 -18.35 -12.18 5.79
N ALA H 84 -18.60 -11.36 6.79
CA ALA H 84 -18.10 -10.02 6.76
C ALA H 84 -16.58 -10.00 6.83
N MET H 85 -16.00 -10.81 7.71
CA MET H 85 -14.54 -10.83 7.79
C MET H 85 -13.96 -11.07 6.42
N ASP H 86 -14.53 -12.02 5.69
CA ASP H 86 -14.06 -12.31 4.33
C ASP H 86 -13.90 -11.00 3.52
N VAL H 87 -14.97 -10.22 3.45
CA VAL H 87 -14.96 -8.99 2.70
C VAL H 87 -13.90 -8.08 3.27
N VAL H 88 -13.90 -7.93 4.59
CA VAL H 88 -12.94 -7.06 5.23
C VAL H 88 -11.55 -7.51 4.86
N TYR H 89 -11.27 -8.79 5.06
CA TYR H 89 -9.98 -9.34 4.71
C TYR H 89 -9.68 -9.02 3.25
N ALA H 90 -10.68 -9.16 2.38
CA ALA H 90 -10.51 -8.89 0.95
C ALA H 90 -10.15 -7.41 0.73
N LEU H 91 -10.88 -6.51 1.36
CA LEU H 91 -10.59 -5.09 1.20
C LEU H 91 -9.18 -4.73 1.65
N LYS H 92 -8.68 -5.35 2.70
CA LYS H 92 -7.34 -5.01 3.15
C LYS H 92 -6.31 -5.37 2.09
N ARG H 93 -6.54 -6.47 1.37
CA ARG H 93 -5.63 -6.88 0.32
C ARG H 93 -5.52 -5.76 -0.71
N GLN H 94 -6.63 -5.10 -0.98
CA GLN H 94 -6.62 -4.01 -1.93
C GLN H 94 -6.10 -2.76 -1.22
N GLY H 95 -5.58 -2.96 -0.01
CA GLY H 95 -5.03 -1.86 0.76
C GLY H 95 -6.06 -0.89 1.28
N ARG H 96 -7.31 -1.34 1.37
CA ARG H 96 -8.38 -0.48 1.87
C ARG H 96 -8.92 -1.13 3.15
N THR H 97 -8.71 -0.44 4.27
CA THR H 97 -9.16 -0.96 5.55
C THR H 97 -10.55 -0.43 5.82
N LEU H 98 -11.45 -1.31 6.25
CA LEU H 98 -12.81 -0.88 6.54
C LEU H 98 -13.09 -1.02 8.04
N TYR H 99 -13.67 0.05 8.62
CA TYR H 99 -14.01 0.07 10.03
C TYR H 99 -15.51 -0.02 10.19
N GLY H 100 -15.93 -0.63 11.29
CA GLY H 100 -17.36 -0.73 11.57
C GLY H 100 -17.96 -2.03 11.15
N PHE H 101 -17.12 -3.04 10.90
CA PHE H 101 -17.58 -4.38 10.51
C PHE H 101 -16.73 -5.49 11.11
N GLY H 102 -15.60 -5.12 11.69
CA GLY H 102 -14.71 -6.09 12.31
C GLY H 102 -15.51 -6.96 13.26
N GLY H 103 -15.15 -8.24 13.33
CA GLY H 103 -15.82 -9.22 14.19
C GLY H 103 -16.71 -8.74 15.32
N LYS I 12 22.50 -40.35 -0.53
CA LYS I 12 21.36 -39.45 -0.19
C LYS I 12 20.67 -38.84 -1.42
N THR I 13 19.42 -38.42 -1.22
CA THR I 13 18.62 -37.79 -2.27
C THR I 13 18.02 -36.51 -1.71
N SER I 14 18.06 -35.43 -2.49
CA SER I 14 17.52 -34.13 -2.06
C SER I 14 16.05 -33.98 -2.41
N ARG I 15 15.26 -33.51 -1.44
CA ARG I 15 13.84 -33.31 -1.68
C ARG I 15 13.62 -32.58 -3.00
N SER I 16 14.42 -31.54 -3.23
CA SER I 16 14.33 -30.77 -4.47
C SER I 16 14.48 -31.66 -5.68
N ALA I 17 15.29 -32.71 -5.56
CA ALA I 17 15.51 -33.65 -6.65
C ALA I 17 14.23 -34.45 -6.87
N LYS I 18 13.67 -34.94 -5.77
CA LYS I 18 12.45 -35.73 -5.78
C LYS I 18 11.29 -34.85 -6.26
N ALA I 19 11.34 -33.59 -5.88
CA ALA I 19 10.32 -32.62 -6.25
C ALA I 19 10.31 -32.30 -7.75
N GLY I 20 11.47 -32.45 -8.40
CA GLY I 20 11.56 -32.15 -9.82
C GLY I 20 11.84 -30.67 -10.03
N VAL I 21 12.51 -30.05 -9.06
CA VAL I 21 12.84 -28.63 -9.10
C VAL I 21 14.31 -28.28 -8.88
N ILE I 22 14.68 -27.09 -9.36
CA ILE I 22 16.02 -26.56 -9.19
C ILE I 22 16.08 -25.82 -7.86
N PHE I 23 15.07 -25.02 -7.55
CA PHE I 23 15.05 -24.27 -6.29
C PHE I 23 15.09 -25.14 -5.02
N PRO I 24 15.82 -24.68 -4.00
CA PRO I 24 16.07 -25.26 -2.67
C PRO I 24 14.92 -25.66 -1.78
N VAL I 25 14.18 -26.71 -2.12
CA VAL I 25 13.05 -27.10 -1.27
C VAL I 25 13.49 -27.17 0.19
N GLY I 26 14.66 -27.76 0.45
CA GLY I 26 15.14 -27.85 1.81
C GLY I 26 15.31 -26.48 2.41
N ARG I 27 16.17 -25.68 1.80
CA ARG I 27 16.44 -24.32 2.26
C ARG I 27 15.16 -23.52 2.45
N MET I 28 14.25 -23.59 1.47
CA MET I 28 12.98 -22.87 1.55
C MET I 28 12.32 -23.21 2.89
N LEU I 29 12.18 -24.51 3.14
CA LEU I 29 11.55 -24.96 4.37
C LEU I 29 12.17 -24.26 5.55
N ARG I 30 13.50 -24.27 5.62
CA ARG I 30 14.18 -23.61 6.72
C ARG I 30 13.72 -22.16 6.84
N TYR I 31 13.62 -21.49 5.70
CA TYR I 31 13.20 -20.09 5.66
C TYR I 31 11.76 -19.93 6.07
N ILE I 32 10.90 -20.81 5.56
CA ILE I 32 9.49 -20.73 5.91
C ILE I 32 9.37 -20.79 7.43
N LYS I 33 10.29 -21.49 8.06
CA LYS I 33 10.27 -21.65 9.50
C LYS I 33 10.88 -20.46 10.22
N LYS I 34 12.10 -20.09 9.86
CA LYS I 34 12.76 -18.96 10.49
C LYS I 34 11.89 -17.70 10.41
N GLY I 35 11.06 -17.60 9.38
CA GLY I 35 10.27 -16.40 9.21
C GLY I 35 8.91 -16.44 9.89
N HIS I 36 8.18 -17.55 9.75
CA HIS I 36 6.83 -17.78 10.33
C HIS I 36 6.84 -18.91 11.32
N PRO I 37 7.64 -18.57 12.29
CA PRO I 37 8.07 -19.43 13.43
C PRO I 37 7.12 -20.26 14.31
N LYS I 38 5.84 -19.95 14.47
CA LYS I 38 5.01 -20.77 15.36
C LYS I 38 4.13 -21.72 14.58
N TYR I 39 4.49 -21.99 13.33
CA TYR I 39 3.68 -22.85 12.50
C TYR I 39 4.30 -24.17 12.12
N ARG I 40 3.56 -25.23 12.34
CA ARG I 40 4.02 -26.53 11.90
C ARG I 40 3.94 -26.41 10.40
N ILE I 41 4.98 -26.85 9.70
CA ILE I 41 5.00 -26.73 8.26
C ILE I 41 5.03 -28.05 7.49
N GLY I 42 3.90 -28.37 6.84
CA GLY I 42 3.82 -29.59 6.05
C GLY I 42 4.84 -29.61 4.92
N VAL I 43 5.32 -30.78 4.53
CA VAL I 43 6.31 -30.84 3.45
C VAL I 43 5.74 -30.39 2.11
N GLY I 44 4.42 -30.22 2.02
CA GLY I 44 3.85 -29.79 0.78
C GLY I 44 4.31 -28.37 0.47
N ALA I 45 4.21 -27.53 1.49
CA ALA I 45 4.57 -26.12 1.43
C ALA I 45 5.89 -25.74 0.75
N PRO I 46 7.04 -26.06 1.39
CA PRO I 46 8.33 -25.71 0.77
C PRO I 46 8.48 -26.17 -0.67
N VAL I 47 7.83 -27.29 -0.99
CA VAL I 47 7.90 -27.81 -2.35
C VAL I 47 7.12 -26.90 -3.29
N TYR I 48 5.89 -26.58 -2.91
CA TYR I 48 5.04 -25.70 -3.72
C TYR I 48 5.80 -24.39 -3.97
N MET I 49 6.24 -23.76 -2.90
CA MET I 49 7.00 -22.52 -2.98
C MET I 49 8.13 -22.63 -3.98
N ALA I 50 9.00 -23.61 -3.80
CA ALA I 50 10.12 -23.80 -4.70
C ALA I 50 9.63 -23.78 -6.13
N ALA I 51 8.65 -24.63 -6.40
CA ALA I 51 8.09 -24.77 -7.75
C ALA I 51 7.49 -23.50 -8.33
N VAL I 52 6.77 -22.74 -7.49
CA VAL I 52 6.14 -21.51 -7.93
C VAL I 52 7.19 -20.44 -8.18
N LEU I 53 8.07 -20.24 -7.21
CA LEU I 53 9.11 -19.23 -7.34
C LEU I 53 10.07 -19.57 -8.47
N GLU I 54 10.18 -20.86 -8.80
CA GLU I 54 11.07 -21.25 -9.90
C GLU I 54 10.40 -20.84 -11.20
N TYR I 55 9.11 -21.15 -11.32
CA TYR I 55 8.34 -20.80 -12.51
C TYR I 55 8.45 -19.30 -12.78
N LEU I 56 8.12 -18.52 -11.75
CA LEU I 56 8.17 -17.06 -11.82
C LEU I 56 9.54 -16.62 -12.27
N THR I 57 10.57 -17.20 -11.68
CA THR I 57 11.92 -16.85 -12.07
C THR I 57 12.04 -17.14 -13.56
N ALA I 58 11.79 -18.38 -13.93
CA ALA I 58 11.86 -18.82 -15.32
C ALA I 58 11.08 -17.89 -16.25
N GLU I 59 9.89 -17.54 -15.80
CA GLU I 59 9.01 -16.66 -16.52
C GLU I 59 9.73 -15.38 -16.92
N ILE I 60 10.14 -14.61 -15.92
CA ILE I 60 10.83 -13.35 -16.15
C ILE I 60 12.08 -13.51 -17.01
N LEU I 61 12.95 -14.44 -16.61
CA LEU I 61 14.19 -14.70 -17.35
C LEU I 61 13.93 -14.90 -18.84
N GLU I 62 12.82 -15.56 -19.15
CA GLU I 62 12.47 -15.80 -20.53
C GLU I 62 12.34 -14.46 -21.25
N LEU I 63 11.42 -13.62 -20.76
CA LEU I 63 11.18 -12.32 -21.37
C LEU I 63 12.40 -11.41 -21.32
N ALA I 64 13.14 -11.45 -20.21
CA ALA I 64 14.33 -10.61 -20.06
C ALA I 64 15.30 -10.96 -21.18
N VAL I 65 15.51 -12.25 -21.39
CA VAL I 65 16.41 -12.70 -22.45
C VAL I 65 15.93 -12.17 -23.80
N ASN I 66 14.64 -12.32 -24.09
CA ASN I 66 14.10 -11.81 -25.34
C ASN I 66 14.50 -10.37 -25.52
N ALA I 67 14.47 -9.63 -24.41
CA ALA I 67 14.81 -8.23 -24.46
C ALA I 67 16.31 -8.08 -24.66
N ALA I 68 17.10 -8.96 -24.04
CA ALA I 68 18.54 -8.89 -24.20
C ALA I 68 18.88 -9.11 -25.68
N ARG I 69 18.41 -10.22 -26.24
CA ARG I 69 18.65 -10.54 -27.65
C ARG I 69 18.10 -9.38 -28.47
N ASP I 70 16.84 -9.04 -28.25
CA ASP I 70 16.22 -7.92 -28.95
C ASP I 70 17.22 -6.77 -29.05
N ASN I 71 18.05 -6.65 -28.01
CA ASN I 71 19.03 -5.58 -27.88
C ASN I 71 20.41 -5.89 -28.46
N LYS I 72 20.51 -6.96 -29.22
CA LYS I 72 21.79 -7.33 -29.83
C LYS I 72 22.82 -7.70 -28.75
N LYS I 73 22.37 -7.89 -27.51
CA LYS I 73 23.30 -8.25 -26.43
C LYS I 73 23.11 -9.68 -25.92
N GLY I 74 24.22 -10.32 -25.56
CA GLY I 74 24.19 -11.69 -25.08
C GLY I 74 24.09 -11.90 -23.59
N ARG I 75 24.26 -10.83 -22.82
CA ARG I 75 24.18 -10.92 -21.37
C ARG I 75 22.97 -10.13 -20.85
N VAL I 76 22.23 -10.74 -19.92
CA VAL I 76 21.06 -10.08 -19.37
C VAL I 76 21.40 -9.07 -18.27
N THR I 77 20.91 -7.85 -18.43
CA THR I 77 21.15 -6.79 -17.45
C THR I 77 19.81 -6.29 -16.90
N PRO I 78 19.86 -5.48 -15.83
CA PRO I 78 18.63 -4.93 -15.23
C PRO I 78 17.74 -4.25 -16.28
N ARG I 79 18.37 -3.55 -17.22
CA ARG I 79 17.63 -2.84 -18.26
C ARG I 79 16.74 -3.80 -19.00
N HIS I 80 17.22 -5.04 -19.12
CA HIS I 80 16.46 -6.06 -19.82
C HIS I 80 15.33 -6.57 -18.94
N ILE I 81 15.61 -6.80 -17.68
CA ILE I 81 14.58 -7.29 -16.79
C ILE I 81 13.45 -6.28 -16.69
N LEU I 82 13.78 -5.00 -16.58
CA LEU I 82 12.73 -4.00 -16.52
C LEU I 82 11.94 -3.97 -17.82
N LEU I 83 12.63 -3.83 -18.93
CA LEU I 83 11.96 -3.82 -20.23
C LEU I 83 11.05 -5.03 -20.29
N ALA I 84 11.58 -6.17 -19.85
CA ALA I 84 10.78 -7.40 -19.85
C ALA I 84 9.53 -7.26 -18.96
N VAL I 85 9.74 -6.79 -17.74
CA VAL I 85 8.66 -6.60 -16.78
C VAL I 85 7.63 -5.56 -17.22
N ALA I 86 8.11 -4.37 -17.56
CA ALA I 86 7.24 -3.28 -17.96
C ALA I 86 6.41 -3.53 -19.22
N ASN I 87 6.82 -4.50 -20.02
CA ASN I 87 6.09 -4.78 -21.25
C ASN I 87 5.07 -5.91 -21.14
N ASP I 88 5.18 -6.72 -20.11
CA ASP I 88 4.26 -7.82 -19.89
C ASP I 88 3.20 -7.32 -18.92
N GLU I 89 1.94 -7.34 -19.33
CA GLU I 89 0.87 -6.84 -18.47
C GLU I 89 0.80 -7.50 -17.10
N GLU I 90 0.94 -8.81 -17.03
CA GLU I 90 0.83 -9.45 -15.72
C GLU I 90 2.03 -9.28 -14.80
N LEU I 91 3.23 -9.30 -15.37
CA LEU I 91 4.43 -9.12 -14.57
C LEU I 91 4.46 -7.68 -14.06
N ASN I 92 3.92 -6.79 -14.87
CA ASN I 92 3.87 -5.39 -14.50
C ASN I 92 2.95 -5.22 -13.29
N GLN I 93 1.83 -5.93 -13.31
CA GLN I 93 0.85 -5.85 -12.24
C GLN I 93 1.43 -6.40 -10.96
N LEU I 94 2.05 -7.57 -11.05
CA LEU I 94 2.64 -8.23 -9.89
C LEU I 94 3.70 -7.37 -9.24
N LEU I 95 4.30 -6.48 -10.01
CA LEU I 95 5.35 -5.66 -9.44
C LEU I 95 5.09 -4.18 -9.31
N LYS I 96 3.89 -3.80 -8.85
CA LYS I 96 3.58 -2.39 -8.62
C LYS I 96 4.38 -2.05 -7.37
N GLY I 97 5.12 -0.94 -7.38
CA GLY I 97 5.87 -0.61 -6.20
C GLY I 97 7.33 -0.98 -6.32
N VAL I 98 7.61 -2.05 -7.05
CA VAL I 98 8.97 -2.48 -7.25
C VAL I 98 9.69 -1.44 -8.06
N THR I 99 10.95 -1.20 -7.74
CA THR I 99 11.80 -0.23 -8.43
C THR I 99 13.06 -1.03 -8.76
N ILE I 100 13.21 -1.36 -10.03
CA ILE I 100 14.36 -2.13 -10.48
C ILE I 100 15.55 -1.19 -10.60
N ALA I 101 16.48 -1.30 -9.66
CA ALA I 101 17.66 -0.44 -9.68
C ALA I 101 18.37 -0.50 -11.02
N SER I 102 18.54 0.65 -11.64
CA SER I 102 19.24 0.72 -12.90
C SER I 102 18.53 -0.02 -14.03
N GLY I 103 17.22 0.08 -14.07
CA GLY I 103 16.45 -0.57 -15.12
C GLY I 103 15.91 0.47 -16.07
N GLY I 104 16.00 1.73 -15.67
CA GLY I 104 15.49 2.81 -16.49
C GLY I 104 13.99 2.77 -16.60
N VAL I 105 13.44 3.55 -17.53
CA VAL I 105 12.00 3.58 -17.75
C VAL I 105 11.72 2.98 -19.12
N LEU I 106 10.46 2.82 -19.47
CA LEU I 106 10.13 2.26 -20.76
C LEU I 106 10.00 3.43 -21.72
N PRO I 107 10.66 3.34 -22.88
CA PRO I 107 10.62 4.38 -23.90
C PRO I 107 9.19 4.78 -24.22
N ASN I 108 8.88 6.06 -24.07
CA ASN I 108 7.54 6.58 -24.34
C ASN I 108 7.51 8.09 -24.44
N ILE I 109 6.82 8.59 -25.47
CA ILE I 109 6.68 10.01 -25.70
C ILE I 109 5.25 10.30 -26.15
N HIS I 110 4.49 10.97 -25.28
CA HIS I 110 3.11 11.28 -25.65
C HIS I 110 3.14 11.82 -27.07
N PRO I 111 2.09 11.62 -27.82
CA PRO I 111 2.08 12.24 -29.15
C PRO I 111 1.83 13.73 -29.12
N GLU I 112 1.37 14.26 -27.97
CA GLU I 112 1.14 15.68 -27.85
C GLU I 112 2.48 16.42 -27.87
N LEU I 113 3.56 15.72 -27.56
CA LEU I 113 4.88 16.32 -27.54
C LEU I 113 5.57 16.16 -28.88
N LEU I 114 5.20 15.11 -29.60
CA LEU I 114 5.80 14.83 -30.91
C LEU I 114 5.89 16.09 -31.72
N ALA I 115 6.97 16.16 -32.52
CA ALA I 115 7.29 17.29 -33.39
C ALA I 115 6.08 17.95 -34.07
N LYS I 116 5.57 17.32 -35.12
CA LYS I 116 4.41 17.85 -35.83
C LYS I 116 4.03 16.96 -37.02
N LYS I 117 4.74 17.12 -38.13
CA LYS I 117 4.47 16.34 -39.35
C LYS I 117 3.18 16.79 -40.04
N LYS J 31 34.23 -20.12 9.59
CA LYS J 31 34.31 -19.23 10.78
C LYS J 31 33.73 -17.86 10.42
N ARG J 32 33.74 -17.53 9.13
CA ARG J 32 33.19 -16.26 8.69
C ARG J 32 32.05 -16.39 7.69
N GLY J 33 31.27 -15.31 7.60
CA GLY J 33 30.12 -15.22 6.72
C GLY J 33 29.98 -16.17 5.55
N ARG J 34 28.84 -16.77 5.46
CA ARG J 34 28.47 -17.67 4.41
C ARG J 34 27.13 -17.12 3.97
N LYS J 35 27.17 -16.03 3.21
CA LYS J 35 25.94 -15.40 2.73
C LYS J 35 25.22 -16.28 1.70
N GLU J 36 24.01 -16.72 2.04
CA GLU J 36 23.22 -17.56 1.15
C GLU J 36 22.44 -16.71 0.16
N SER J 37 22.15 -17.28 -1.00
CA SER J 37 21.44 -16.57 -2.04
C SER J 37 20.75 -17.54 -3.00
N TYR J 38 19.97 -17.00 -3.93
CA TYR J 38 19.27 -17.83 -4.90
C TYR J 38 20.04 -17.88 -6.21
N SER J 39 21.15 -17.16 -6.24
CA SER J 39 22.01 -17.08 -7.42
C SER J 39 22.16 -18.35 -8.24
N ILE J 40 22.82 -19.35 -7.68
CA ILE J 40 23.04 -20.57 -8.44
C ILE J 40 21.78 -21.08 -9.11
N TYR J 41 20.67 -21.07 -8.38
CA TYR J 41 19.39 -21.54 -8.91
C TYR J 41 18.84 -20.70 -10.07
N VAL J 42 18.88 -19.39 -9.91
CA VAL J 42 18.42 -18.54 -11.00
C VAL J 42 19.29 -18.88 -12.20
N TYR J 43 20.60 -19.01 -11.95
CA TYR J 43 21.53 -19.30 -13.04
C TYR J 43 21.23 -20.62 -13.75
N LYS J 44 20.85 -21.63 -12.98
CA LYS J 44 20.53 -22.91 -13.57
C LYS J 44 19.30 -22.73 -14.43
N VAL J 45 18.23 -22.18 -13.83
CA VAL J 45 17.00 -21.95 -14.57
C VAL J 45 17.31 -21.16 -15.83
N LEU J 46 18.23 -20.21 -15.74
CA LEU J 46 18.58 -19.40 -16.91
C LEU J 46 19.19 -20.24 -18.01
N LYS J 47 20.32 -20.88 -17.70
CA LYS J 47 21.05 -21.72 -18.67
C LYS J 47 20.24 -22.90 -19.15
N GLN J 48 19.42 -23.46 -18.26
CA GLN J 48 18.61 -24.60 -18.61
C GLN J 48 17.84 -24.37 -19.90
N VAL J 49 17.65 -23.12 -20.27
CA VAL J 49 16.92 -22.85 -21.50
C VAL J 49 17.56 -21.74 -22.34
N HIS J 50 18.69 -21.24 -21.87
CA HIS J 50 19.42 -20.19 -22.57
C HIS J 50 20.89 -20.42 -22.22
N PRO J 51 21.48 -21.49 -22.79
CA PRO J 51 22.88 -21.85 -22.56
C PRO J 51 23.85 -20.80 -23.07
N ASP J 52 23.39 -20.00 -24.02
CA ASP J 52 24.20 -18.94 -24.61
C ASP J 52 23.63 -17.57 -24.28
N THR J 53 23.43 -17.32 -23.00
CA THR J 53 22.89 -16.05 -22.54
C THR J 53 23.30 -15.88 -21.08
N GLY J 54 24.17 -14.89 -20.83
CA GLY J 54 24.65 -14.65 -19.47
C GLY J 54 23.81 -13.69 -18.66
N ILE J 55 24.02 -13.70 -17.34
CA ILE J 55 23.27 -12.84 -16.44
C ILE J 55 24.25 -11.95 -15.67
N SER J 56 24.18 -10.64 -15.89
CA SER J 56 25.10 -9.74 -15.20
C SER J 56 24.95 -9.81 -13.68
N SER J 57 25.93 -9.25 -12.98
CA SER J 57 25.94 -9.24 -11.53
C SER J 57 24.73 -8.51 -10.96
N LYS J 58 24.57 -7.26 -11.37
CA LYS J 58 23.45 -6.46 -10.93
C LYS J 58 22.15 -7.17 -11.29
N ALA J 59 22.13 -7.76 -12.47
CA ALA J 59 20.95 -8.46 -12.94
C ALA J 59 20.60 -9.60 -11.99
N MET J 60 21.63 -10.30 -11.53
CA MET J 60 21.40 -11.42 -10.62
C MET J 60 20.90 -10.89 -9.29
N GLY J 61 21.33 -9.68 -8.96
CA GLY J 61 20.94 -9.07 -7.70
C GLY J 61 19.47 -8.72 -7.67
N ILE J 62 18.92 -8.45 -8.86
CA ILE J 62 17.51 -8.12 -8.97
C ILE J 62 16.70 -9.39 -8.94
N MET J 63 17.17 -10.41 -9.66
CA MET J 63 16.49 -11.68 -9.66
C MET J 63 16.46 -12.22 -8.24
N ASN J 64 17.38 -11.75 -7.41
CA ASN J 64 17.41 -12.18 -6.03
C ASN J 64 16.33 -11.49 -5.23
N SER J 65 16.26 -10.17 -5.37
CA SER J 65 15.27 -9.39 -4.65
C SER J 65 13.86 -9.87 -4.98
N PHE J 66 13.66 -10.28 -6.24
CA PHE J 66 12.37 -10.79 -6.71
C PHE J 66 12.02 -12.06 -5.94
N VAL J 67 12.82 -13.10 -6.11
CA VAL J 67 12.57 -14.35 -5.38
C VAL J 67 12.32 -14.10 -3.89
N ASN J 68 13.14 -13.27 -3.26
CA ASN J 68 12.96 -12.99 -1.83
C ASN J 68 11.65 -12.25 -1.60
N ASP J 69 11.40 -11.24 -2.42
CA ASP J 69 10.17 -10.46 -2.31
C ASP J 69 8.97 -11.40 -2.31
N ILE J 70 8.74 -12.05 -3.46
CA ILE J 70 7.62 -12.96 -3.62
C ILE J 70 7.57 -14.04 -2.55
N PHE J 71 8.72 -14.67 -2.30
CA PHE J 71 8.80 -15.69 -1.26
C PHE J 71 8.08 -15.18 -0.02
N GLU J 72 8.49 -13.99 0.42
CA GLU J 72 7.93 -13.33 1.59
C GLU J 72 6.42 -13.14 1.50
N ARG J 73 5.94 -12.53 0.42
CA ARG J 73 4.50 -12.30 0.25
C ARG J 73 3.73 -13.58 0.42
N ILE J 74 4.18 -14.62 -0.26
CA ILE J 74 3.50 -15.91 -0.19
C ILE J 74 3.46 -16.51 1.22
N ALA J 75 4.62 -16.76 1.83
CA ALA J 75 4.63 -17.32 3.18
C ALA J 75 3.87 -16.41 4.13
N SER J 76 3.98 -15.11 3.90
CA SER J 76 3.30 -14.14 4.74
C SER J 76 1.79 -14.35 4.68
N GLU J 77 1.24 -14.33 3.47
CA GLU J 77 -0.19 -14.53 3.29
C GLU J 77 -0.57 -15.93 3.77
N ALA J 78 0.21 -16.93 3.37
CA ALA J 78 -0.06 -18.30 3.76
C ALA J 78 -0.24 -18.42 5.27
N SER J 79 0.66 -17.87 6.06
CA SER J 79 0.53 -17.98 7.51
C SER J 79 -0.73 -17.21 7.89
N ARG J 80 -0.91 -16.05 7.26
CA ARG J 80 -2.07 -15.22 7.50
C ARG J 80 -3.31 -16.10 7.30
N LEU J 81 -3.34 -16.86 6.21
CA LEU J 81 -4.47 -17.73 5.92
C LEU J 81 -4.74 -18.72 7.04
N ALA J 82 -3.69 -19.43 7.44
CA ALA J 82 -3.81 -20.41 8.52
C ALA J 82 -4.48 -19.72 9.70
N HIS J 83 -3.99 -18.55 10.05
CA HIS J 83 -4.52 -17.80 11.17
C HIS J 83 -6.02 -17.62 11.15
N TYR J 84 -6.57 -17.16 10.03
CA TYR J 84 -8.01 -16.96 9.96
C TYR J 84 -8.76 -18.26 10.23
N ASN J 85 -8.24 -19.36 9.74
CA ASN J 85 -8.89 -20.65 9.92
C ASN J 85 -8.39 -21.43 11.13
N LYS J 86 -7.94 -20.68 12.15
CA LYS J 86 -7.44 -21.24 13.39
C LYS J 86 -6.74 -22.58 13.19
N ARG J 87 -5.84 -22.62 12.22
CA ARG J 87 -5.05 -23.81 11.91
C ARG J 87 -3.68 -23.56 12.52
N SER J 88 -3.01 -24.63 12.92
CA SER J 88 -1.68 -24.52 13.52
C SER J 88 -0.60 -24.98 12.58
N THR J 89 -0.97 -25.19 11.31
CA THR J 89 -0.01 -25.68 10.32
C THR J 89 -0.10 -24.94 9.00
N ILE J 90 1.05 -24.59 8.44
CA ILE J 90 1.08 -23.92 7.16
C ILE J 90 1.32 -25.02 6.13
N THR J 91 0.31 -25.31 5.31
CA THR J 91 0.45 -26.38 4.31
C THR J 91 0.37 -25.89 2.88
N SER J 92 0.51 -26.82 1.94
CA SER J 92 0.47 -26.49 0.53
C SER J 92 -0.87 -25.83 0.18
N ARG J 93 -1.92 -26.26 0.85
CA ARG J 93 -3.29 -25.74 0.66
C ARG J 93 -3.24 -24.22 0.80
N GLU J 94 -2.71 -23.76 1.93
CA GLU J 94 -2.60 -22.33 2.20
C GLU J 94 -1.65 -21.68 1.21
N VAL J 95 -0.61 -22.38 0.78
CA VAL J 95 0.33 -21.80 -0.18
C VAL J 95 -0.37 -21.54 -1.49
N GLN J 96 -1.23 -22.47 -1.90
CA GLN J 96 -1.93 -22.34 -3.15
C GLN J 96 -2.92 -21.19 -3.05
N THR J 97 -3.63 -21.10 -1.94
CA THR J 97 -4.57 -20.01 -1.77
C THR J 97 -3.76 -18.71 -1.77
N ALA J 98 -2.71 -18.66 -0.96
CA ALA J 98 -1.89 -17.46 -0.90
C ALA J 98 -1.56 -17.04 -2.32
N VAL J 99 -1.12 -18.01 -3.12
CA VAL J 99 -0.77 -17.75 -4.51
C VAL J 99 -1.91 -17.15 -5.34
N ARG J 100 -3.10 -17.74 -5.26
CA ARG J 100 -4.24 -17.23 -6.02
C ARG J 100 -4.50 -15.78 -5.63
N LEU J 101 -4.45 -15.50 -4.34
CA LEU J 101 -4.66 -14.14 -3.86
C LEU J 101 -3.57 -13.15 -4.25
N LEU J 102 -2.37 -13.65 -4.50
CA LEU J 102 -1.22 -12.80 -4.84
C LEU J 102 -0.88 -12.60 -6.30
N LEU J 103 -1.01 -13.64 -7.11
CA LEU J 103 -0.65 -13.49 -8.51
C LEU J 103 -1.81 -13.12 -9.41
N PRO J 104 -1.52 -12.45 -10.53
CA PRO J 104 -2.52 -12.03 -11.51
C PRO J 104 -3.09 -13.24 -12.22
N GLY J 105 -4.07 -12.99 -13.09
CA GLY J 105 -4.73 -14.03 -13.84
C GLY J 105 -3.96 -15.25 -14.31
N GLU J 106 -3.50 -15.22 -15.55
CA GLU J 106 -2.80 -16.38 -16.10
C GLU J 106 -1.54 -16.81 -15.32
N LEU J 107 -0.84 -15.85 -14.72
CA LEU J 107 0.37 -16.16 -13.98
C LEU J 107 0.08 -17.13 -12.83
N ALA J 108 -1.00 -16.86 -12.11
CA ALA J 108 -1.40 -17.69 -10.99
C ALA J 108 -1.83 -19.05 -11.49
N LYS J 109 -2.60 -19.04 -12.59
CA LYS J 109 -3.09 -20.26 -13.21
C LYS J 109 -1.95 -21.25 -13.34
N HIS J 110 -0.90 -20.88 -14.08
CA HIS J 110 0.27 -21.73 -14.28
C HIS J 110 1.08 -22.02 -13.02
N ALA J 111 1.26 -21.01 -12.17
CA ALA J 111 2.02 -21.21 -10.94
C ALA J 111 1.37 -22.28 -10.09
N VAL J 112 0.04 -22.30 -10.07
CA VAL J 112 -0.68 -23.29 -9.30
C VAL J 112 -0.43 -24.66 -9.90
N SER J 113 -0.55 -24.75 -11.22
CA SER J 113 -0.29 -26.00 -11.92
C SER J 113 1.11 -26.49 -11.58
N GLU J 114 2.10 -25.59 -11.65
CA GLU J 114 3.48 -25.93 -11.35
C GLU J 114 3.61 -26.44 -9.94
N GLY J 115 2.96 -25.76 -9.00
CA GLY J 115 3.03 -26.15 -7.61
C GLY J 115 2.39 -27.50 -7.35
N THR J 116 1.12 -27.64 -7.72
CA THR J 116 0.43 -28.89 -7.50
C THR J 116 1.17 -30.02 -8.21
N LYS J 117 1.79 -29.71 -9.33
CA LYS J 117 2.56 -30.72 -10.05
C LYS J 117 3.80 -31.11 -9.24
N ALA J 118 4.41 -30.14 -8.56
CA ALA J 118 5.60 -30.43 -7.77
C ALA J 118 5.23 -31.33 -6.61
N VAL J 119 4.38 -30.84 -5.70
CA VAL J 119 3.99 -31.63 -4.53
C VAL J 119 3.60 -33.05 -4.95
N THR J 120 3.06 -33.18 -6.16
CA THR J 120 2.67 -34.49 -6.65
C THR J 120 3.91 -35.39 -6.72
N LYS J 121 4.82 -35.08 -7.64
CA LYS J 121 6.05 -35.86 -7.79
C LYS J 121 6.80 -36.08 -6.47
N TYR J 122 6.86 -35.06 -5.62
CA TYR J 122 7.54 -35.24 -4.34
C TYR J 122 6.85 -36.35 -3.59
N THR J 123 5.55 -36.51 -3.79
CA THR J 123 4.81 -37.54 -3.07
C THR J 123 4.76 -38.89 -3.78
N SER J 124 4.51 -38.88 -5.09
CA SER J 124 4.45 -40.11 -5.89
C SER J 124 5.84 -40.76 -5.90
N SER J 125 6.49 -40.75 -4.75
CA SER J 125 7.82 -41.31 -4.64
C SER J 125 8.10 -41.50 -3.17
N LYS J 126 8.48 -40.39 -2.53
CA LYS J 126 8.79 -40.33 -1.12
C LYS J 126 8.85 -38.85 -0.82
#